data_5IE0
#
_entry.id   5IE0
#
_cell.length_a   71.164
_cell.length_b   117.763
_cell.length_c   72.160
_cell.angle_alpha   90.00
_cell.angle_beta   93.71
_cell.angle_gamma   90.00
#
_symmetry.space_group_name_H-M   'P 1 21 1'
#
loop_
_entity.id
_entity.type
_entity.pdbx_description
1 polymer 'Oxalate--CoA ligase'
2 non-polymer 'S,R MESO-TARTARIC ACID'
3 water water
#
_entity_poly.entity_id   1
_entity_poly.type   'polypeptide(L)'
_entity_poly.pdbx_seq_one_letter_code
;MDSDTLSGLLENVAKKFPDRRALSVSGKFNLTHARLHDLIERAASRLVSDAGIKPGDVVALTFPNTVEFVIMFLAVIRAR
ATAAPLNAAYTAEEFEFYLSDSDSKLLLTSKEGNAPAQEAASKLKISHVTATLLDAGSDLVLSVADSDSVVDSATELVNH
PDDGALFLHTSGTTSRPKGVPLTQLNLASSVKNIKAVYKLTESDSTVIVLPLFHVHGLLAGLLSSLGAGAAVTLPAAGRF
SATTFWPDMKKYNATWYTAVPTIHQIILDRHASHPETEYPKLRFIRSCSASLAPVILSRLEEAFGAPVLEAYAMTEATHL
MSSNPLPEEGPHKPGSVGKPVGQEMAILNEKGEIQEPNNKGEVCIRGPNVTKGYKNNPEANKAGFEFGWFHTGDIGYFDT
DGYLHLVGRIKELINRGGEKISPIEVDAVLLTHPDVSQGVAFGVPDEKYGEEINCAVIPREGTTVTEEDIKAFCKKNLAA
FKVPKRVFITDNLPKTASGKIQRRIVAQHFLEKP
;
_entity_poly.pdbx_strand_id   A,B
#
# COMPACT_ATOMS: atom_id res chain seq x y z
N MET A 1 -6.94 16.69 17.26
CA MET A 1 -5.92 16.22 16.33
C MET A 1 -5.24 17.40 15.64
N ASP A 2 -5.88 18.57 15.72
CA ASP A 2 -5.43 19.75 15.00
C ASP A 2 -4.07 20.24 15.49
N SER A 3 -3.35 20.94 14.61
CA SER A 3 -2.09 21.58 14.97
C SER A 3 -1.90 22.80 14.10
N ASP A 4 -1.02 23.71 14.51
CA ASP A 4 -0.74 24.89 13.69
C ASP A 4 0.53 24.72 12.86
N THR A 5 1.05 23.50 12.80
CA THR A 5 2.05 23.16 11.80
C THR A 5 1.58 21.90 11.10
N LEU A 6 1.90 21.77 9.82
CA LEU A 6 1.49 20.60 9.06
C LEU A 6 2.20 19.36 9.59
N SER A 7 3.50 19.49 9.88
CA SER A 7 4.26 18.36 10.40
C SER A 7 3.70 17.83 11.73
N GLY A 8 3.33 18.75 12.63
CA GLY A 8 2.75 18.36 13.90
C GLY A 8 1.42 17.64 13.71
N LEU A 9 0.63 18.15 12.78
CA LEU A 9 -0.67 17.56 12.48
C LEU A 9 -0.49 16.15 11.96
N LEU A 10 0.46 15.98 11.03
CA LEU A 10 0.74 14.67 10.45
C LEU A 10 1.27 13.70 11.48
N GLU A 11 2.04 14.21 12.45
CA GLU A 11 2.53 13.36 13.54
C GLU A 11 1.35 12.88 14.38
N ASN A 12 0.44 13.79 14.71
CA ASN A 12 -0.76 13.42 15.46
C ASN A 12 -1.58 12.36 14.72
N VAL A 13 -1.75 12.55 13.43
CA VAL A 13 -2.47 11.60 12.59
C VAL A 13 -1.80 10.23 12.60
N ALA A 14 -0.49 10.21 12.39
CA ALA A 14 0.26 8.97 12.41
C ALA A 14 0.10 8.23 13.74
N LYS A 15 0.15 8.98 14.84
CA LYS A 15 -0.02 8.35 16.15
C LYS A 15 -1.45 7.84 16.35
N LYS A 16 -2.43 8.53 15.79
CA LYS A 16 -3.82 8.13 15.99
C LYS A 16 -4.23 6.97 15.07
N PHE A 17 -3.76 7.00 13.83
CA PHE A 17 -4.13 6.01 12.82
C PHE A 17 -2.92 5.32 12.20
N PRO A 18 -2.10 4.65 13.02
CA PRO A 18 -0.81 4.16 12.52
C PRO A 18 -0.94 3.08 11.45
N ASP A 19 -1.98 2.25 11.53
CA ASP A 19 -2.14 1.13 10.62
C ASP A 19 -3.07 1.41 9.45
N ARG A 20 -3.67 2.59 9.43
CA ARG A 20 -4.53 2.96 8.32
C ARG A 20 -3.68 3.29 7.10
N ARG A 21 -4.22 3.01 5.91
CA ARG A 21 -3.50 3.27 4.68
C ARG A 21 -3.34 4.77 4.43
N ALA A 22 -2.14 5.18 4.05
CA ALA A 22 -1.82 6.58 3.81
C ALA A 22 -1.52 6.84 2.35
N LEU A 23 -0.64 6.04 1.76
CA LEU A 23 -0.15 6.32 0.42
C LEU A 23 0.13 5.06 -0.39
N SER A 24 -0.60 4.91 -1.50
CA SER A 24 -0.42 3.80 -2.41
C SER A 24 0.16 4.28 -3.73
N VAL A 25 0.92 3.42 -4.37
CA VAL A 25 1.26 3.56 -5.78
C VAL A 25 0.62 2.37 -6.47
N SER A 26 -0.30 2.64 -7.40
CA SER A 26 -1.12 1.60 -8.01
C SER A 26 -0.28 0.43 -8.48
N GLY A 27 -0.61 -0.77 -8.00
CA GLY A 27 0.07 -1.98 -8.41
C GLY A 27 1.37 -2.25 -7.68
N LYS A 28 1.76 -1.35 -6.79
CA LYS A 28 3.08 -1.45 -6.15
C LYS A 28 3.06 -1.23 -4.63
N PHE A 29 3.03 0.03 -4.22
CA PHE A 29 3.17 0.37 -2.81
C PHE A 29 1.84 0.57 -2.07
N ASN A 30 1.86 0.29 -0.77
CA ASN A 30 0.71 0.58 0.11
C ASN A 30 1.21 0.94 1.50
N LEU A 31 1.68 2.17 1.67
CA LEU A 31 2.27 2.62 2.92
C LEU A 31 1.20 2.99 3.95
N THR A 32 1.39 2.57 5.19
CA THR A 32 0.52 2.99 6.27
C THR A 32 0.99 4.35 6.79
N HIS A 33 0.20 4.99 7.64
CA HIS A 33 0.56 6.30 8.17
C HIS A 33 1.80 6.25 9.07
N ALA A 34 1.92 5.20 9.88
CA ALA A 34 3.10 5.04 10.71
C ALA A 34 4.36 4.83 9.87
N ARG A 35 4.27 3.93 8.89
CA ARG A 35 5.37 3.64 7.97
C ARG A 35 5.84 4.90 7.22
N LEU A 36 4.88 5.59 6.63
CA LEU A 36 5.16 6.83 5.92
C LEU A 36 5.81 7.84 6.86
N HIS A 37 5.25 7.96 8.07
CA HIS A 37 5.78 8.89 9.07
C HIS A 37 7.25 8.63 9.37
N ASP A 38 7.58 7.36 9.62
CA ASP A 38 8.96 7.02 9.95
C ASP A 38 9.90 7.18 8.76
N LEU A 39 9.42 6.86 7.56
CA LEU A 39 10.21 7.08 6.35
C LEU A 39 10.56 8.57 6.21
N ILE A 40 9.56 9.41 6.46
CA ILE A 40 9.76 10.85 6.44
C ILE A 40 10.76 11.29 7.50
N GLU A 41 10.61 10.79 8.72
CA GLU A 41 11.54 11.14 9.81
C GLU A 41 12.99 10.81 9.46
N ARG A 42 13.21 9.58 9.00
CA ARG A 42 14.56 9.14 8.69
C ARG A 42 15.13 9.93 7.52
N ALA A 43 14.29 10.24 6.53
CA ALA A 43 14.74 11.05 5.40
C ALA A 43 15.12 12.48 5.82
N ALA A 44 14.32 13.07 6.71
CA ALA A 44 14.60 14.42 7.20
C ALA A 44 15.89 14.45 7.98
N SER A 45 16.07 13.43 8.83
CA SER A 45 17.29 13.31 9.62
C SER A 45 18.50 13.17 8.69
N ARG A 46 18.34 12.44 7.60
CA ARG A 46 19.41 12.31 6.61
C ARG A 46 19.70 13.66 5.95
N LEU A 47 18.65 14.41 5.65
CA LEU A 47 18.81 15.74 5.05
C LEU A 47 19.60 16.67 5.97
N VAL A 48 19.30 16.63 7.26
CA VAL A 48 19.98 17.47 8.22
C VAL A 48 21.44 17.05 8.45
N SER A 49 21.65 15.77 8.72
CA SER A 49 22.97 15.27 9.09
CA SER A 49 22.97 15.27 9.09
C SER A 49 23.94 15.16 7.91
N ASP A 50 23.43 14.72 6.76
CA ASP A 50 24.30 14.39 5.63
C ASP A 50 24.23 15.33 4.44
N ALA A 51 23.10 16.04 4.29
CA ALA A 51 22.96 16.96 3.16
C ALA A 51 23.14 18.41 3.59
N GLY A 52 23.40 18.61 4.88
CA GLY A 52 23.67 19.93 5.42
C GLY A 52 22.51 20.90 5.37
N ILE A 53 21.29 20.38 5.42
CA ILE A 53 20.11 21.23 5.34
C ILE A 53 19.82 21.91 6.69
N LYS A 54 19.78 23.25 6.66
CA LYS A 54 19.58 24.04 7.86
C LYS A 54 18.19 24.68 7.83
N PRO A 55 17.66 25.07 8.99
CA PRO A 55 16.37 25.75 9.00
C PRO A 55 16.37 26.99 8.11
N GLY A 56 15.36 27.12 7.26
CA GLY A 56 15.29 28.24 6.34
C GLY A 56 15.85 27.96 4.96
N ASP A 57 16.61 26.88 4.81
CA ASP A 57 17.13 26.48 3.50
C ASP A 57 16.00 26.10 2.55
N VAL A 58 16.20 26.41 1.27
CA VAL A 58 15.25 26.03 0.23
C VAL A 58 15.74 24.80 -0.51
N VAL A 59 14.91 23.77 -0.55
CA VAL A 59 15.24 22.56 -1.29
C VAL A 59 14.29 22.39 -2.47
N ALA A 60 14.84 22.40 -3.67
CA ALA A 60 14.04 22.22 -4.87
C ALA A 60 13.74 20.74 -5.10
N LEU A 61 12.56 20.44 -5.63
CA LEU A 61 12.23 19.07 -5.99
C LEU A 61 11.61 19.01 -7.37
N THR A 62 12.06 18.07 -8.19
CA THR A 62 11.37 17.83 -9.45
C THR A 62 11.21 16.33 -9.66
N PHE A 63 9.96 15.90 -9.56
CA PHE A 63 9.56 14.51 -9.63
C PHE A 63 8.29 14.41 -10.47
N PRO A 64 7.98 13.21 -10.99
CA PRO A 64 6.59 12.97 -11.36
C PRO A 64 5.78 12.78 -10.07
N ASN A 65 4.48 12.49 -10.17
CA ASN A 65 3.69 12.22 -8.98
C ASN A 65 4.04 10.85 -8.41
N THR A 66 5.10 10.80 -7.60
CA THR A 66 5.64 9.54 -7.10
C THR A 66 5.72 9.49 -5.58
N VAL A 67 5.92 8.29 -5.03
CA VAL A 67 6.00 8.13 -3.59
C VAL A 67 7.23 8.85 -3.04
N GLU A 68 8.30 8.86 -3.83
CA GLU A 68 9.52 9.55 -3.44
C GLU A 68 9.27 11.04 -3.31
N PHE A 69 8.47 11.61 -4.21
CA PHE A 69 8.14 13.03 -4.09
C PHE A 69 7.41 13.33 -2.80
N VAL A 70 6.43 12.50 -2.45
CA VAL A 70 5.64 12.72 -1.22
C VAL A 70 6.56 12.68 0.00
N ILE A 71 7.31 11.58 0.10
CA ILE A 71 8.21 11.37 1.23
C ILE A 71 9.22 12.51 1.34
N MET A 72 9.85 12.89 0.24
CA MET A 72 10.89 13.92 0.29
C MET A 72 10.34 15.33 0.49
N PHE A 73 9.14 15.61 -0.02
CA PHE A 73 8.49 16.89 0.25
C PHE A 73 8.27 17.04 1.76
N LEU A 74 7.64 16.02 2.33
CA LEU A 74 7.33 16.09 3.76
C LEU A 74 8.61 16.04 4.62
N ALA A 75 9.63 15.35 4.13
CA ALA A 75 10.91 15.29 4.84
C ALA A 75 11.61 16.65 4.81
N VAL A 76 11.53 17.34 3.69
CA VAL A 76 12.08 18.67 3.55
C VAL A 76 11.39 19.61 4.52
N ILE A 77 10.06 19.62 4.54
CA ILE A 77 9.42 20.56 5.47
C ILE A 77 9.62 20.16 6.94
N ARG A 78 9.78 18.86 7.20
CA ARG A 78 10.02 18.38 8.57
C ARG A 78 11.37 18.87 9.08
N ALA A 79 12.34 18.96 8.18
CA ALA A 79 13.68 19.41 8.52
C ALA A 79 13.75 20.93 8.69
N ARG A 80 12.58 21.56 8.75
CA ARG A 80 12.44 23.02 8.89
C ARG A 80 12.95 23.75 7.66
N ALA A 81 12.95 23.06 6.53
CA ALA A 81 13.34 23.66 5.26
C ALA A 81 12.12 23.99 4.42
N THR A 82 12.36 24.70 3.31
CA THR A 82 11.28 25.12 2.42
C THR A 82 11.31 24.30 1.13
N ALA A 83 10.23 23.60 0.84
CA ALA A 83 10.17 22.80 -0.39
C ALA A 83 9.77 23.65 -1.60
N ALA A 84 10.54 23.52 -2.68
CA ALA A 84 10.24 24.20 -3.93
C ALA A 84 10.04 23.18 -5.07
N PRO A 85 8.83 22.62 -5.15
CA PRO A 85 8.49 21.68 -6.22
C PRO A 85 8.47 22.37 -7.57
N LEU A 86 9.03 21.71 -8.59
CA LEU A 86 9.15 22.31 -9.91
C LEU A 86 8.66 21.36 -11.01
N ASN A 87 8.05 21.93 -12.04
CA ASN A 87 7.59 21.19 -13.20
C ASN A 87 8.75 20.43 -13.86
N ALA A 88 8.60 19.11 -13.95
CA ALA A 88 9.65 18.26 -14.52
C ALA A 88 9.88 18.52 -16.01
N ALA A 89 8.90 19.13 -16.67
CA ALA A 89 8.98 19.36 -18.11
C ALA A 89 9.68 20.67 -18.46
N TYR A 90 10.16 21.38 -17.45
CA TYR A 90 10.90 22.63 -17.65
C TYR A 90 12.18 22.40 -18.46
N THR A 91 12.58 23.42 -19.21
CA THR A 91 13.87 23.39 -19.91
C THR A 91 14.97 23.77 -18.92
N ALA A 92 16.22 23.61 -19.33
CA ALA A 92 17.36 23.95 -18.47
C ALA A 92 17.35 25.43 -18.10
N GLU A 93 16.90 26.26 -19.03
CA GLU A 93 16.83 27.70 -18.81
C GLU A 93 15.77 28.03 -17.75
N GLU A 94 14.59 27.44 -17.90
CA GLU A 94 13.51 27.63 -16.94
C GLU A 94 13.94 27.13 -15.56
N PHE A 95 14.50 25.93 -15.52
CA PHE A 95 15.00 25.36 -14.27
C PHE A 95 16.01 26.29 -13.63
N GLU A 96 16.93 26.84 -14.42
CA GLU A 96 17.92 27.77 -13.90
C GLU A 96 17.27 29.00 -13.28
N PHE A 97 16.27 29.53 -13.98
CA PHE A 97 15.55 30.70 -13.48
C PHE A 97 14.87 30.42 -12.14
N TYR A 98 14.12 29.33 -12.07
CA TYR A 98 13.34 29.06 -10.86
C TYR A 98 14.23 28.62 -9.69
N LEU A 99 15.29 27.89 -9.98
CA LEU A 99 16.26 27.49 -8.96
C LEU A 99 16.94 28.72 -8.39
N SER A 100 17.38 29.62 -9.27
CA SER A 100 18.04 30.85 -8.84
C SER A 100 17.11 31.75 -8.02
N ASP A 101 15.90 31.99 -8.54
CA ASP A 101 14.97 32.91 -7.93
C ASP A 101 14.48 32.44 -6.57
N SER A 102 14.46 31.13 -6.35
CA SER A 102 14.00 30.56 -5.09
C SER A 102 15.14 30.38 -4.10
N ASP A 103 16.36 30.65 -4.56
CA ASP A 103 17.61 30.42 -3.83
C ASP A 103 17.71 29.01 -3.27
N SER A 104 17.35 28.04 -4.12
CA SER A 104 17.50 26.62 -3.79
C SER A 104 18.96 26.29 -3.50
N LYS A 105 19.18 25.53 -2.44
CA LYS A 105 20.52 25.11 -2.05
C LYS A 105 20.73 23.62 -2.35
N LEU A 106 19.65 22.95 -2.74
CA LEU A 106 19.70 21.52 -3.04
C LEU A 106 18.62 21.15 -4.06
N LEU A 107 18.96 20.24 -4.97
CA LEU A 107 18.01 19.69 -5.94
C LEU A 107 17.77 18.20 -5.68
N LEU A 108 16.51 17.84 -5.44
CA LEU A 108 16.14 16.44 -5.26
C LEU A 108 15.41 15.91 -6.50
N THR A 109 15.82 14.74 -6.96
CA THR A 109 15.13 14.03 -8.03
C THR A 109 15.07 12.54 -7.70
N SER A 110 14.39 11.77 -8.55
CA SER A 110 14.44 10.33 -8.45
C SER A 110 15.80 9.82 -8.91
N LYS A 111 16.02 8.51 -8.81
CA LYS A 111 17.28 7.94 -9.27
C LYS A 111 17.45 8.12 -10.77
N GLU A 112 16.34 8.08 -11.51
CA GLU A 112 16.38 8.28 -12.96
C GLU A 112 16.84 9.70 -13.28
N GLY A 113 16.50 10.65 -12.41
CA GLY A 113 16.96 12.01 -12.58
C GLY A 113 16.19 12.83 -13.59
N ASN A 114 16.71 14.02 -13.84
CA ASN A 114 16.11 14.99 -14.76
C ASN A 114 17.22 15.81 -15.38
N ALA A 115 17.51 15.57 -16.65
CA ALA A 115 18.70 16.16 -17.29
C ALA A 115 18.70 17.70 -17.31
N PRO A 116 17.58 18.34 -17.73
CA PRO A 116 17.62 19.81 -17.70
C PRO A 116 17.82 20.38 -16.28
N ALA A 117 17.16 19.77 -15.30
CA ALA A 117 17.26 20.22 -13.92
C ALA A 117 18.68 20.05 -13.39
N GLN A 118 19.29 18.91 -13.68
CA GLN A 118 20.66 18.64 -13.25
C GLN A 118 21.66 19.54 -13.95
N GLU A 119 21.36 19.90 -15.19
CA GLU A 119 22.20 20.83 -15.95
C GLU A 119 22.14 22.22 -15.31
N ALA A 120 20.93 22.69 -15.03
CA ALA A 120 20.74 23.97 -14.36
C ALA A 120 21.42 24.01 -13.00
N ALA A 121 21.23 22.95 -12.22
CA ALA A 121 21.80 22.86 -10.88
C ALA A 121 23.33 22.86 -10.94
N SER A 122 23.89 22.09 -11.87
CA SER A 122 25.34 22.05 -12.06
C SER A 122 25.87 23.42 -12.43
N LYS A 123 25.17 24.11 -13.31
CA LYS A 123 25.57 25.46 -13.71
C LYS A 123 25.55 26.44 -12.55
N LEU A 124 24.56 26.29 -11.66
CA LEU A 124 24.42 27.17 -10.50
C LEU A 124 25.20 26.68 -9.29
N LYS A 125 25.91 25.56 -9.47
CA LYS A 125 26.67 24.92 -8.39
C LYS A 125 25.77 24.50 -7.24
N ILE A 126 24.57 24.02 -7.57
CA ILE A 126 23.64 23.49 -6.58
C ILE A 126 23.74 21.97 -6.52
N SER A 127 23.90 21.44 -5.31
CA SER A 127 24.04 19.99 -5.12
C SER A 127 22.80 19.23 -5.60
N HIS A 128 23.04 18.06 -6.18
CA HIS A 128 21.96 17.21 -6.66
C HIS A 128 21.98 15.87 -5.91
N VAL A 129 20.83 15.50 -5.36
CA VAL A 129 20.70 14.26 -4.60
C VAL A 129 19.47 13.48 -5.07
N THR A 130 19.62 12.18 -5.27
CA THR A 130 18.52 11.35 -5.71
C THR A 130 17.87 10.59 -4.55
N ALA A 131 16.59 10.26 -4.71
CA ALA A 131 15.83 9.55 -3.69
C ALA A 131 15.11 8.36 -4.31
N THR A 132 15.24 7.19 -3.68
CA THR A 132 14.60 5.98 -4.17
C THR A 132 14.00 5.15 -3.05
N LEU A 133 12.75 4.76 -3.18
CA LEU A 133 12.12 3.87 -2.21
C LEU A 133 12.19 2.43 -2.71
N LEU A 134 12.85 1.57 -1.94
CA LEU A 134 13.01 0.17 -2.31
C LEU A 134 11.94 -0.69 -1.65
N ASP A 135 12.38 -1.70 -0.91
CA ASP A 135 11.45 -2.61 -0.23
C ASP A 135 10.92 -2.03 1.07
N ALA A 136 9.91 -2.69 1.64
CA ALA A 136 9.21 -2.17 2.81
C ALA A 136 9.99 -2.33 4.12
N GLY A 137 11.17 -2.92 4.04
CA GLY A 137 11.99 -3.12 5.23
C GLY A 137 13.19 -2.20 5.24
N SER A 138 13.30 -1.37 4.21
CA SER A 138 14.43 -0.45 4.07
C SER A 138 13.96 0.99 4.01
N ASP A 139 14.77 1.89 4.57
CA ASP A 139 14.51 3.31 4.50
C ASP A 139 14.64 3.79 3.07
N LEU A 140 14.14 4.98 2.80
CA LEU A 140 14.34 5.60 1.49
C LEU A 140 15.84 5.80 1.28
N VAL A 141 16.31 5.47 0.10
CA VAL A 141 17.74 5.57 -0.20
C VAL A 141 18.09 6.90 -0.83
N LEU A 142 18.98 7.64 -0.17
CA LEU A 142 19.46 8.93 -0.67
C LEU A 142 20.90 8.80 -1.15
N SER A 143 21.22 9.49 -2.25
CA SER A 143 22.54 9.36 -2.88
C SER A 143 23.64 10.15 -2.17
N VAL A 144 23.34 10.66 -0.99
CA VAL A 144 24.35 11.40 -0.23
C VAL A 144 25.00 10.46 0.77
N ALA A 145 26.26 10.71 1.11
CA ALA A 145 27.05 9.79 1.92
C ALA A 145 26.46 9.54 3.31
N ASP A 146 26.98 8.50 3.97
CA ASP A 146 26.46 8.03 5.25
C ASP A 146 24.96 7.80 5.16
N GLU A 156 14.04 15.63 17.97
CA GLU A 156 14.06 16.90 18.70
C GLU A 156 13.82 18.08 17.77
N LEU A 157 13.84 17.84 16.46
CA LEU A 157 13.48 18.87 15.49
C LEU A 157 12.09 19.39 15.85
N VAL A 158 11.99 20.69 16.07
CA VAL A 158 10.73 21.34 16.39
C VAL A 158 10.31 22.26 15.26
N ASN A 159 9.15 21.96 14.67
CA ASN A 159 8.64 22.78 13.57
C ASN A 159 7.88 23.99 14.09
N HIS A 160 8.27 25.13 13.60
CA HIS A 160 7.62 26.37 13.94
C HIS A 160 6.63 26.79 12.86
N PRO A 161 5.44 27.25 13.40
CA PRO A 161 4.43 27.67 12.43
C PRO A 161 4.88 28.73 11.43
N ASP A 162 5.80 29.59 11.83
CA ASP A 162 6.31 30.63 10.94
C ASP A 162 7.49 30.15 10.07
N ASP A 163 7.92 28.91 10.24
CA ASP A 163 8.94 28.34 9.36
C ASP A 163 8.40 28.30 7.93
N GLY A 164 9.25 28.65 6.96
CA GLY A 164 8.90 28.44 5.57
C GLY A 164 8.76 26.95 5.32
N ALA A 165 7.84 26.57 4.45
CA ALA A 165 7.63 25.16 4.16
C ALA A 165 7.43 24.91 2.67
N LEU A 166 6.82 25.86 1.98
CA LEU A 166 6.53 25.72 0.56
C LEU A 166 6.80 27.02 -0.18
N PHE A 167 7.51 26.91 -1.31
CA PHE A 167 7.81 28.06 -2.14
C PHE A 167 7.39 27.79 -3.58
N LEU A 168 6.53 28.66 -4.12
CA LEU A 168 6.03 28.51 -5.47
C LEU A 168 6.10 29.84 -6.20
N HIS A 169 5.71 29.83 -7.48
CA HIS A 169 5.70 31.06 -8.28
C HIS A 169 4.33 31.27 -8.92
N THR A 170 3.98 32.53 -9.14
CA THR A 170 2.80 32.85 -9.94
C THR A 170 3.12 32.57 -11.40
N SER A 171 2.09 32.50 -12.25
CA SER A 171 2.26 32.07 -13.63
C SER A 171 3.20 32.99 -14.40
N GLY A 172 3.09 34.29 -14.14
CA GLY A 172 3.96 35.27 -14.76
C GLY A 172 3.76 35.38 -16.26
N THR A 173 2.49 35.34 -16.69
CA THR A 173 2.15 35.54 -18.10
C THR A 173 2.44 36.98 -18.52
N THR A 174 1.63 37.91 -18.02
CA THR A 174 1.90 39.35 -18.10
C THR A 174 3.32 39.72 -17.63
N SER A 175 3.56 39.59 -16.34
CA SER A 175 4.83 40.09 -15.79
C SER A 175 5.84 38.98 -15.49
N ARG A 176 6.88 39.31 -14.72
CA ARG A 176 7.83 38.33 -14.21
C ARG A 176 7.13 37.50 -13.15
N PRO A 177 7.41 36.18 -13.11
CA PRO A 177 6.78 35.33 -12.10
C PRO A 177 7.14 35.76 -10.68
N LYS A 178 6.13 35.97 -9.84
CA LYS A 178 6.35 36.37 -8.46
C LYS A 178 6.52 35.16 -7.53
N GLY A 179 7.47 35.25 -6.63
CA GLY A 179 7.70 34.20 -5.65
C GLY A 179 6.68 34.25 -4.53
N VAL A 180 6.07 33.09 -4.26
CA VAL A 180 5.09 32.96 -3.18
C VAL A 180 5.61 32.05 -2.08
N PRO A 181 6.06 32.63 -0.96
CA PRO A 181 6.51 31.87 0.20
C PRO A 181 5.33 31.47 1.11
N LEU A 182 5.24 30.17 1.42
CA LEU A 182 4.17 29.66 2.27
C LEU A 182 4.76 28.93 3.46
N THR A 183 4.13 29.10 4.62
CA THR A 183 4.66 28.61 5.89
C THR A 183 4.02 27.31 6.35
N GLN A 184 4.58 26.74 7.42
CA GLN A 184 3.97 25.60 8.09
C GLN A 184 2.53 25.94 8.50
N LEU A 185 2.36 27.15 9.02
CA LEU A 185 1.04 27.64 9.43
C LEU A 185 0.08 27.72 8.24
N ASN A 186 0.56 28.26 7.12
CA ASN A 186 -0.26 28.31 5.90
C ASN A 186 -0.80 26.93 5.54
N LEU A 187 0.11 25.96 5.47
CA LEU A 187 -0.22 24.60 5.09
C LEU A 187 -1.20 23.96 6.07
N ALA A 188 -0.92 24.10 7.37
CA ALA A 188 -1.78 23.54 8.40
C ALA A 188 -3.19 24.12 8.32
N SER A 189 -3.26 25.43 8.16
CA SER A 189 -4.53 26.14 8.06
C SER A 189 -5.34 25.64 6.86
N SER A 190 -4.69 25.56 5.71
CA SER A 190 -5.43 25.12 4.51
C SER A 190 -5.85 23.65 4.61
N VAL A 191 -4.98 22.80 5.15
CA VAL A 191 -5.32 21.40 5.33
C VAL A 191 -6.54 21.28 6.26
N LYS A 192 -6.55 22.07 7.33
CA LYS A 192 -7.70 22.04 8.23
C LYS A 192 -8.99 22.54 7.56
N ASN A 193 -8.88 23.61 6.78
CA ASN A 193 -10.04 24.15 6.06
C ASN A 193 -10.64 23.13 5.08
N ILE A 194 -9.75 22.52 4.29
CA ILE A 194 -10.15 21.55 3.28
C ILE A 194 -10.76 20.31 3.94
N LYS A 195 -10.13 19.83 5.01
CA LYS A 195 -10.68 18.68 5.73
C LYS A 195 -12.02 18.98 6.35
N ALA A 196 -12.17 20.20 6.85
CA ALA A 196 -13.40 20.61 7.50
C ALA A 196 -14.57 20.72 6.54
N VAL A 197 -14.37 21.41 5.43
CA VAL A 197 -15.51 21.69 4.56
C VAL A 197 -16.00 20.41 3.86
N TYR A 198 -15.12 19.45 3.61
CA TYR A 198 -15.53 18.22 2.95
C TYR A 198 -15.65 17.04 3.94
N LYS A 199 -15.48 17.34 5.22
CA LYS A 199 -15.54 16.33 6.28
C LYS A 199 -14.70 15.10 5.93
N LEU A 200 -13.44 15.33 5.55
CA LEU A 200 -12.54 14.23 5.27
C LEU A 200 -12.27 13.49 6.58
N THR A 201 -12.36 12.16 6.54
CA THR A 201 -12.03 11.34 7.70
C THR A 201 -11.13 10.21 7.25
N GLU A 202 -10.75 9.34 8.20
CA GLU A 202 -9.78 8.29 7.93
C GLU A 202 -10.30 7.20 6.98
N SER A 203 -11.60 7.19 6.73
CA SER A 203 -12.16 6.17 5.82
C SER A 203 -12.15 6.65 4.37
N ASP A 204 -11.82 7.91 4.14
CA ASP A 204 -11.80 8.46 2.79
C ASP A 204 -10.56 8.01 2.02
N SER A 205 -10.66 8.12 0.69
CA SER A 205 -9.61 7.63 -0.19
C SER A 205 -9.76 8.36 -1.52
N THR A 206 -8.63 8.72 -2.14
CA THR A 206 -8.70 9.39 -3.43
C THR A 206 -7.52 9.01 -4.34
N VAL A 207 -7.67 9.35 -5.62
CA VAL A 207 -6.61 9.15 -6.59
C VAL A 207 -6.17 10.52 -7.09
N ILE A 208 -4.86 10.78 -7.07
CA ILE A 208 -4.32 12.05 -7.55
C ILE A 208 -4.34 12.11 -9.07
N VAL A 209 -4.98 13.13 -9.62
CA VAL A 209 -5.04 13.30 -11.06
C VAL A 209 -4.50 14.66 -11.51
N LEU A 210 -3.83 15.35 -10.61
CA LEU A 210 -3.27 16.67 -10.89
C LEU A 210 -1.80 16.74 -10.50
N PRO A 211 -1.01 17.59 -11.18
CA PRO A 211 0.41 17.73 -10.82
C PRO A 211 0.59 18.18 -9.37
N LEU A 212 1.50 17.52 -8.65
CA LEU A 212 1.69 17.84 -7.24
C LEU A 212 2.64 19.04 -7.02
N PHE A 213 3.02 19.70 -8.11
CA PHE A 213 3.82 20.92 -7.96
C PHE A 213 2.97 22.19 -8.07
N HIS A 214 1.65 22.02 -8.05
CA HIS A 214 0.71 23.13 -7.86
C HIS A 214 -0.14 22.84 -6.63
N VAL A 215 -0.74 23.87 -6.02
CA VAL A 215 -1.40 23.68 -4.72
C VAL A 215 -2.72 22.90 -4.78
N HIS A 216 -3.37 22.84 -5.95
CA HIS A 216 -4.63 22.09 -6.01
C HIS A 216 -4.38 20.61 -5.69
N GLY A 217 -3.52 19.96 -6.47
CA GLY A 217 -3.20 18.57 -6.23
C GLY A 217 -2.47 18.37 -4.92
N LEU A 218 -1.57 19.28 -4.59
CA LEU A 218 -0.73 19.14 -3.41
C LEU A 218 -1.51 19.27 -2.09
N LEU A 219 -2.20 20.39 -1.93
CA LEU A 219 -2.94 20.67 -0.69
C LEU A 219 -4.23 19.86 -0.56
N ALA A 220 -5.06 19.89 -1.60
CA ALA A 220 -6.37 19.24 -1.53
C ALA A 220 -6.25 17.74 -1.69
N GLY A 221 -5.63 17.31 -2.79
CA GLY A 221 -5.52 15.89 -3.08
C GLY A 221 -4.66 15.12 -2.07
N LEU A 222 -3.44 15.60 -1.87
CA LEU A 222 -2.47 14.88 -1.06
C LEU A 222 -2.51 15.27 0.43
N LEU A 223 -2.17 16.51 0.73
CA LEU A 223 -1.90 16.88 2.11
C LEU A 223 -3.12 16.85 3.02
N SER A 224 -4.28 17.22 2.50
CA SER A 224 -5.50 17.22 3.32
C SER A 224 -5.96 15.80 3.63
N SER A 225 -5.82 14.91 2.64
CA SER A 225 -6.11 13.50 2.83
C SER A 225 -5.25 12.92 3.94
N LEU A 226 -3.94 13.14 3.86
CA LEU A 226 -3.01 12.67 4.87
C LEU A 226 -3.35 13.28 6.23
N GLY A 227 -3.73 14.55 6.21
CA GLY A 227 -4.09 15.26 7.42
C GLY A 227 -5.38 14.74 8.03
N ALA A 228 -6.15 13.97 7.27
CA ALA A 228 -7.37 13.38 7.81
C ALA A 228 -7.18 11.92 8.24
N GLY A 229 -6.01 11.36 7.98
CA GLY A 229 -5.78 9.94 8.20
C GLY A 229 -6.36 9.13 7.05
N ALA A 230 -6.74 9.82 5.99
CA ALA A 230 -7.29 9.19 4.79
C ALA A 230 -6.18 8.64 3.90
N ALA A 231 -6.57 8.02 2.79
CA ALA A 231 -5.60 7.40 1.88
C ALA A 231 -5.50 8.15 0.56
N VAL A 232 -4.31 8.12 -0.02
CA VAL A 232 -4.02 8.74 -1.30
C VAL A 232 -3.44 7.69 -2.24
N THR A 233 -3.94 7.61 -3.47
CA THR A 233 -3.35 6.71 -4.45
C THR A 233 -2.75 7.49 -5.62
N LEU A 234 -1.51 7.15 -5.96
CA LEU A 234 -0.82 7.74 -7.10
C LEU A 234 -0.89 6.76 -8.26
N PRO A 235 -1.26 7.26 -9.44
CA PRO A 235 -1.24 6.43 -10.66
C PRO A 235 0.14 5.81 -10.90
N ALA A 236 0.14 4.61 -11.48
CA ALA A 236 1.36 3.84 -11.67
C ALA A 236 2.42 4.60 -12.47
N ALA A 237 1.98 5.40 -13.43
CA ALA A 237 2.91 6.09 -14.29
C ALA A 237 3.12 7.55 -13.86
N GLY A 238 2.71 7.87 -12.64
CA GLY A 238 3.02 9.16 -12.04
C GLY A 238 2.34 10.36 -12.68
N ARG A 239 1.20 10.13 -13.33
CA ARG A 239 0.50 11.18 -14.06
C ARG A 239 -0.94 10.74 -14.21
N PHE A 240 -1.86 11.69 -14.39
CA PHE A 240 -3.25 11.35 -14.70
C PHE A 240 -3.38 10.51 -15.93
N SER A 241 -4.15 9.44 -15.85
CA SER A 241 -4.48 8.66 -17.03
C SER A 241 -5.96 8.33 -17.04
N ALA A 242 -6.65 8.77 -18.09
CA ALA A 242 -8.08 8.56 -18.21
C ALA A 242 -8.37 7.07 -18.28
N THR A 243 -7.43 6.31 -18.84
CA THR A 243 -7.59 4.88 -18.99
C THR A 243 -7.57 4.14 -17.65
N THR A 244 -6.61 4.48 -16.81
CA THR A 244 -6.45 3.77 -15.54
C THR A 244 -7.17 4.43 -14.37
N PHE A 245 -7.80 5.57 -14.61
CA PHE A 245 -8.41 6.35 -13.53
C PHE A 245 -9.45 5.56 -12.72
N TRP A 246 -10.54 5.15 -13.38
CA TRP A 246 -11.58 4.44 -12.68
C TRP A 246 -11.16 3.06 -12.14
N PRO A 247 -10.31 2.31 -12.89
CA PRO A 247 -9.77 1.09 -12.27
C PRO A 247 -9.03 1.36 -10.95
N ASP A 248 -8.23 2.42 -10.90
CA ASP A 248 -7.55 2.79 -9.65
C ASP A 248 -8.56 3.24 -8.58
N MET A 249 -9.53 4.05 -8.98
CA MET A 249 -10.56 4.53 -8.06
C MET A 249 -11.30 3.36 -7.41
N LYS A 250 -11.61 2.32 -8.19
CA LYS A 250 -12.29 1.15 -7.66
C LYS A 250 -11.36 0.31 -6.80
N LYS A 251 -10.19 -0.05 -7.33
CA LYS A 251 -9.29 -0.98 -6.66
C LYS A 251 -8.85 -0.46 -5.29
N TYR A 252 -8.69 0.86 -5.17
CA TYR A 252 -8.20 1.42 -3.92
C TYR A 252 -9.28 2.17 -3.17
N ASN A 253 -10.54 1.77 -3.42
CA ASN A 253 -11.69 2.17 -2.60
C ASN A 253 -11.87 3.66 -2.43
N ALA A 254 -11.69 4.41 -3.51
CA ALA A 254 -11.81 5.86 -3.49
C ALA A 254 -13.21 6.31 -3.10
N THR A 255 -13.29 7.41 -2.36
CA THR A 255 -14.59 7.95 -1.93
C THR A 255 -14.82 9.35 -2.50
N TRP A 256 -13.79 9.91 -3.13
CA TRP A 256 -13.88 11.24 -3.73
C TRP A 256 -12.70 11.48 -4.65
N TYR A 257 -12.78 12.53 -5.46
CA TYR A 257 -11.60 13.03 -6.16
C TYR A 257 -11.77 14.52 -6.47
N THR A 258 -10.65 15.18 -6.75
CA THR A 258 -10.67 16.59 -7.09
C THR A 258 -9.87 16.80 -8.37
N ALA A 259 -10.36 17.69 -9.22
CA ALA A 259 -9.67 17.98 -10.48
C ALA A 259 -10.08 19.34 -11.02
N VAL A 260 -9.42 19.75 -12.10
CA VAL A 260 -9.78 20.98 -12.80
C VAL A 260 -10.78 20.63 -13.90
N PRO A 261 -11.60 21.61 -14.33
CA PRO A 261 -12.62 21.36 -15.35
C PRO A 261 -12.13 20.63 -16.61
N THR A 262 -10.93 20.91 -17.11
CA THR A 262 -10.48 20.27 -18.34
C THR A 262 -10.26 18.76 -18.11
N ILE A 263 -9.78 18.42 -16.91
CA ILE A 263 -9.60 17.02 -16.54
C ILE A 263 -10.95 16.33 -16.41
N HIS A 264 -11.91 17.00 -15.77
CA HIS A 264 -13.28 16.49 -15.68
C HIS A 264 -13.86 16.25 -17.08
N GLN A 265 -13.53 17.15 -18.01
CA GLN A 265 -14.00 17.02 -19.39
C GLN A 265 -13.39 15.79 -20.07
N ILE A 266 -12.10 15.58 -19.84
CA ILE A 266 -11.44 14.39 -20.38
C ILE A 266 -12.05 13.10 -19.82
N ILE A 267 -12.34 13.12 -18.51
CA ILE A 267 -12.97 12.00 -17.85
C ILE A 267 -14.38 11.71 -18.40
N LEU A 268 -15.13 12.78 -18.66
CA LEU A 268 -16.46 12.65 -19.26
C LEU A 268 -16.38 12.09 -20.67
N ASP A 269 -15.39 12.55 -21.44
CA ASP A 269 -15.19 12.01 -22.79
C ASP A 269 -14.87 10.52 -22.73
N ARG A 270 -14.03 10.13 -21.77
CA ARG A 270 -13.72 8.73 -21.55
C ARG A 270 -14.98 7.94 -21.19
N HIS A 271 -15.87 8.57 -20.43
CA HIS A 271 -17.12 7.93 -20.05
C HIS A 271 -18.03 7.76 -21.27
N ALA A 272 -17.92 8.68 -22.23
CA ALA A 272 -18.71 8.60 -23.45
C ALA A 272 -18.19 7.50 -24.38
N SER A 273 -16.87 7.45 -24.54
CA SER A 273 -16.24 6.47 -25.43
C SER A 273 -16.15 5.09 -24.81
N HIS A 274 -15.80 5.04 -23.53
CA HIS A 274 -15.62 3.76 -22.84
C HIS A 274 -16.27 3.77 -21.46
N PRO A 275 -17.60 3.63 -21.42
CA PRO A 275 -18.32 3.61 -20.14
C PRO A 275 -17.97 2.40 -19.29
N GLU A 276 -17.74 2.61 -18.00
CA GLU A 276 -17.55 1.49 -17.08
C GLU A 276 -18.89 0.82 -16.83
N THR A 277 -18.87 -0.49 -16.65
CA THR A 277 -20.08 -1.24 -16.36
C THR A 277 -20.64 -0.82 -15.01
N GLU A 278 -19.75 -0.43 -14.10
CA GLU A 278 -20.15 0.07 -12.80
C GLU A 278 -19.18 1.13 -12.31
N TYR A 279 -19.70 2.15 -11.64
CA TYR A 279 -18.87 3.18 -11.04
C TYR A 279 -19.00 3.10 -9.52
N PRO A 280 -17.91 3.36 -8.80
CA PRO A 280 -17.99 3.38 -7.34
C PRO A 280 -18.86 4.54 -6.87
N LYS A 281 -19.55 4.37 -5.74
CA LYS A 281 -20.36 5.46 -5.20
C LYS A 281 -19.49 6.40 -4.37
N LEU A 282 -19.27 7.60 -4.89
CA LEU A 282 -18.43 8.58 -4.22
C LEU A 282 -19.25 9.51 -3.34
N ARG A 283 -18.64 9.97 -2.24
CA ARG A 283 -19.26 10.99 -1.39
C ARG A 283 -19.47 12.27 -2.17
N PHE A 284 -18.47 12.67 -2.93
CA PHE A 284 -18.55 13.88 -3.73
C PHE A 284 -17.45 13.91 -4.78
N ILE A 285 -17.63 14.75 -5.78
CA ILE A 285 -16.62 15.04 -6.78
C ILE A 285 -16.32 16.53 -6.68
N ARG A 286 -15.05 16.92 -6.70
CA ARG A 286 -14.70 18.32 -6.51
C ARG A 286 -14.12 18.93 -7.78
N SER A 287 -14.44 20.19 -8.04
CA SER A 287 -13.82 20.93 -9.12
C SER A 287 -13.26 22.25 -8.62
N CYS A 288 -12.11 22.67 -9.16
CA CYS A 288 -11.46 23.89 -8.70
C CYS A 288 -10.44 24.39 -9.73
N SER A 289 -9.89 25.58 -9.48
CA SER A 289 -8.80 26.23 -10.24
C SER A 289 -9.27 27.02 -11.46
N ALA A 290 -10.40 26.63 -12.05
CA ALA A 290 -11.00 27.38 -13.14
C ALA A 290 -12.51 27.17 -13.12
N SER A 291 -13.25 28.16 -13.60
CA SER A 291 -14.71 28.11 -13.56
CA SER A 291 -14.71 28.12 -13.58
C SER A 291 -15.29 26.82 -14.15
N LEU A 292 -16.19 26.21 -13.40
CA LEU A 292 -16.85 25.01 -13.90
C LEU A 292 -18.23 25.37 -14.45
N ALA A 293 -18.36 25.15 -15.76
CA ALA A 293 -19.63 25.39 -16.44
C ALA A 293 -20.71 24.49 -15.84
N PRO A 294 -21.90 25.06 -15.58
CA PRO A 294 -23.02 24.31 -15.00
C PRO A 294 -23.34 23.01 -15.75
N VAL A 295 -23.13 23.01 -17.07
CA VAL A 295 -23.43 21.84 -17.88
C VAL A 295 -22.42 20.72 -17.60
N ILE A 296 -21.19 21.09 -17.27
CA ILE A 296 -20.18 20.10 -16.91
C ILE A 296 -20.53 19.47 -15.56
N LEU A 297 -20.98 20.32 -14.63
CA LEU A 297 -21.46 19.86 -13.34
C LEU A 297 -22.59 18.84 -13.54
N SER A 298 -23.57 19.21 -14.36
CA SER A 298 -24.72 18.35 -14.63
C SER A 298 -24.31 17.02 -15.24
N ARG A 299 -23.42 17.07 -16.21
CA ARG A 299 -22.95 15.86 -16.89
C ARG A 299 -22.18 14.94 -15.94
N LEU A 300 -21.40 15.55 -15.06
CA LEU A 300 -20.65 14.78 -14.06
C LEU A 300 -21.61 14.09 -13.09
N GLU A 301 -22.57 14.85 -12.57
CA GLU A 301 -23.53 14.27 -11.64
C GLU A 301 -24.38 13.17 -12.28
N GLU A 302 -24.72 13.35 -13.56
CA GLU A 302 -25.55 12.32 -14.18
C GLU A 302 -24.72 11.08 -14.53
N ALA A 303 -23.47 11.28 -14.94
CA ALA A 303 -22.61 10.17 -15.31
C ALA A 303 -22.17 9.32 -14.11
N PHE A 304 -21.81 9.98 -13.02
CA PHE A 304 -21.14 9.28 -11.92
C PHE A 304 -21.94 9.23 -10.64
N GLY A 305 -23.05 9.94 -10.59
CA GLY A 305 -24.00 9.83 -9.50
C GLY A 305 -23.52 10.35 -8.16
N ALA A 306 -22.62 11.33 -8.18
CA ALA A 306 -22.16 11.96 -6.95
C ALA A 306 -22.35 13.48 -7.03
N PRO A 307 -22.58 14.13 -5.89
CA PRO A 307 -22.70 15.60 -5.91
C PRO A 307 -21.39 16.26 -6.32
N VAL A 308 -21.44 17.19 -7.27
CA VAL A 308 -20.25 17.91 -7.70
C VAL A 308 -20.15 19.27 -7.03
N LEU A 309 -19.10 19.44 -6.23
CA LEU A 309 -18.86 20.64 -5.45
C LEU A 309 -17.73 21.46 -6.05
N GLU A 310 -18.06 22.68 -6.45
CA GLU A 310 -17.08 23.59 -7.02
C GLU A 310 -16.44 24.45 -5.93
N ALA A 311 -15.12 24.59 -6.01
CA ALA A 311 -14.39 25.43 -5.06
C ALA A 311 -13.58 26.50 -5.79
N TYR A 312 -13.04 27.43 -5.02
CA TYR A 312 -12.33 28.59 -5.52
C TYR A 312 -11.05 28.75 -4.72
N ALA A 313 -9.93 28.85 -5.43
CA ALA A 313 -8.61 28.73 -4.81
C ALA A 313 -7.50 29.39 -5.62
N MET A 314 -6.38 29.68 -4.96
CA MET A 314 -5.19 30.18 -5.64
C MET A 314 -3.96 29.98 -4.77
N THR A 315 -2.79 30.08 -5.38
CA THR A 315 -1.52 29.82 -4.70
C THR A 315 -1.31 30.71 -3.48
N GLU A 316 -1.62 31.99 -3.62
CA GLU A 316 -1.42 32.94 -2.53
C GLU A 316 -2.28 32.64 -1.31
N ALA A 317 -3.34 31.86 -1.51
CA ALA A 317 -4.23 31.49 -0.42
C ALA A 317 -3.93 30.09 0.11
N THR A 318 -2.78 29.55 -0.30
CA THR A 318 -2.44 28.14 -0.05
C THR A 318 -3.62 27.28 -0.49
N HIS A 319 -4.05 27.53 -1.73
CA HIS A 319 -5.19 26.87 -2.36
C HIS A 319 -6.53 27.43 -1.84
N LEU A 320 -7.27 26.63 -1.08
CA LEU A 320 -8.69 26.89 -0.82
C LEU A 320 -9.04 28.28 -0.28
N MET A 321 -9.98 28.94 -0.97
CA MET A 321 -10.58 30.17 -0.49
C MET A 321 -12.05 29.94 -0.15
N SER A 322 -12.80 29.38 -1.08
CA SER A 322 -14.22 29.12 -0.83
C SER A 322 -14.66 27.81 -1.44
N SER A 323 -15.78 27.26 -0.97
CA SER A 323 -16.31 26.05 -1.58
C SER A 323 -17.81 25.88 -1.35
N ASN A 324 -18.46 25.25 -2.30
CA ASN A 324 -19.80 24.74 -2.05
C ASN A 324 -19.72 23.68 -0.96
N PRO A 325 -20.74 23.61 -0.09
CA PRO A 325 -20.70 22.68 1.02
C PRO A 325 -21.13 21.28 0.62
N LEU A 326 -20.94 20.31 1.52
CA LEU A 326 -21.54 18.99 1.35
C LEU A 326 -23.06 19.15 1.38
N PRO A 327 -23.78 18.29 0.65
CA PRO A 327 -25.24 18.33 0.63
C PRO A 327 -25.88 18.32 2.02
N GLU A 328 -25.25 17.64 2.97
CA GLU A 328 -25.80 17.54 4.32
C GLU A 328 -25.69 18.88 5.06
N GLU A 329 -24.83 19.77 4.56
CA GLU A 329 -24.65 21.07 5.19
C GLU A 329 -25.36 22.18 4.42
N GLY A 330 -25.57 21.96 3.13
CA GLY A 330 -26.23 22.95 2.30
C GLY A 330 -26.21 22.62 0.82
N PRO A 331 -26.92 23.41 0.01
CA PRO A 331 -26.97 23.16 -1.43
C PRO A 331 -25.67 23.58 -2.12
N HIS A 332 -25.43 23.05 -3.32
CA HIS A 332 -24.35 23.55 -4.13
C HIS A 332 -24.94 24.20 -5.37
N LYS A 333 -24.53 25.43 -5.64
CA LYS A 333 -25.12 26.22 -6.70
C LYS A 333 -24.28 26.20 -7.97
N PRO A 334 -24.88 25.78 -9.09
CA PRO A 334 -24.16 25.92 -10.36
C PRO A 334 -23.85 27.39 -10.63
N GLY A 335 -22.67 27.67 -11.16
CA GLY A 335 -22.27 29.04 -11.42
C GLY A 335 -21.64 29.73 -10.22
N SER A 336 -21.63 29.03 -9.09
CA SER A 336 -21.09 29.61 -7.85
C SER A 336 -19.98 28.75 -7.26
N VAL A 337 -19.07 29.41 -6.54
CA VAL A 337 -17.98 28.70 -5.88
C VAL A 337 -18.18 28.67 -4.37
N GLY A 338 -19.42 28.85 -3.93
CA GLY A 338 -19.79 28.63 -2.55
C GLY A 338 -19.33 29.68 -1.55
N LYS A 339 -19.15 29.25 -0.30
CA LYS A 339 -18.87 30.15 0.82
C LYS A 339 -17.42 30.06 1.28
N PRO A 340 -16.87 31.16 1.80
CA PRO A 340 -15.48 31.15 2.31
C PRO A 340 -15.29 30.12 3.42
N VAL A 341 -14.14 29.47 3.45
CA VAL A 341 -13.87 28.47 4.47
C VAL A 341 -12.68 28.86 5.33
N GLY A 342 -12.92 29.06 6.62
CA GLY A 342 -11.85 29.29 7.58
C GLY A 342 -11.09 30.59 7.39
N GLN A 343 -11.66 31.49 6.60
CA GLN A 343 -11.02 32.78 6.35
C GLN A 343 -12.06 33.85 6.04
N GLU A 344 -11.66 35.10 6.20
CA GLU A 344 -12.51 36.23 5.87
C GLU A 344 -12.46 36.51 4.38
N MET A 345 -13.61 36.93 3.85
CA MET A 345 -13.73 37.26 2.44
C MET A 345 -14.69 38.42 2.26
N ALA A 346 -14.30 39.40 1.45
CA ALA A 346 -15.16 40.55 1.22
C ALA A 346 -15.08 41.02 -0.23
N ILE A 347 -16.13 41.68 -0.69
CA ILE A 347 -16.17 42.25 -2.02
C ILE A 347 -15.96 43.76 -1.96
N LEU A 348 -14.84 44.24 -2.51
CA LEU A 348 -14.49 45.66 -2.38
C LEU A 348 -14.51 46.40 -3.72
N ASN A 349 -15.06 47.61 -3.73
CA ASN A 349 -14.94 48.44 -4.93
C ASN A 349 -13.55 49.05 -4.97
N GLU A 350 -13.25 49.84 -6.00
CA GLU A 350 -11.92 50.40 -6.16
C GLU A 350 -11.56 51.40 -5.06
N LYS A 351 -12.57 51.85 -4.32
CA LYS A 351 -12.34 52.79 -3.22
C LYS A 351 -12.20 52.06 -1.90
N GLY A 352 -12.20 50.73 -1.96
CA GLY A 352 -11.99 49.91 -0.77
C GLY A 352 -13.20 49.74 0.13
N GLU A 353 -14.38 50.04 -0.39
CA GLU A 353 -15.61 49.91 0.38
C GLU A 353 -16.26 48.54 0.17
N ILE A 354 -16.71 47.93 1.26
CA ILE A 354 -17.38 46.64 1.21
C ILE A 354 -18.71 46.76 0.47
N GLN A 355 -18.94 45.84 -0.46
CA GLN A 355 -20.14 45.90 -1.30
C GLN A 355 -21.30 45.10 -0.69
N GLU A 356 -22.52 45.58 -0.93
CA GLU A 356 -23.73 44.88 -0.52
C GLU A 356 -23.90 43.63 -1.39
N PRO A 357 -24.70 42.66 -0.92
CA PRO A 357 -24.99 41.47 -1.73
C PRO A 357 -25.43 41.81 -3.15
N ASN A 358 -25.00 41.00 -4.11
CA ASN A 358 -25.33 41.18 -5.52
C ASN A 358 -24.79 42.47 -6.11
N ASN A 359 -23.76 43.03 -5.48
CA ASN A 359 -23.00 44.13 -6.06
C ASN A 359 -21.57 43.66 -6.34
N LYS A 360 -21.11 43.85 -7.57
CA LYS A 360 -19.81 43.34 -7.99
C LYS A 360 -18.66 44.17 -7.43
N GLY A 361 -17.48 43.54 -7.39
CA GLY A 361 -16.27 44.18 -6.92
C GLY A 361 -15.17 43.14 -6.85
N GLU A 362 -14.00 43.52 -6.36
CA GLU A 362 -12.89 42.59 -6.27
C GLU A 362 -12.98 41.73 -5.01
N VAL A 363 -12.80 40.43 -5.20
CA VAL A 363 -12.75 39.48 -4.09
C VAL A 363 -11.45 39.65 -3.31
N CYS A 364 -11.57 39.88 -2.00
CA CYS A 364 -10.42 40.03 -1.13
C CYS A 364 -10.52 39.07 0.04
N ILE A 365 -9.38 38.56 0.50
CA ILE A 365 -9.38 37.56 1.56
C ILE A 365 -8.43 37.92 2.69
N ARG A 366 -8.68 37.36 3.87
CA ARG A 366 -7.75 37.49 5.00
C ARG A 366 -7.83 36.27 5.90
N GLY A 367 -6.69 35.66 6.19
CA GLY A 367 -6.66 34.48 7.03
C GLY A 367 -5.27 33.88 7.16
N PRO A 368 -5.13 32.91 8.08
CA PRO A 368 -3.83 32.29 8.34
C PRO A 368 -3.33 31.41 7.19
N ASN A 369 -4.18 31.19 6.18
CA ASN A 369 -3.79 30.45 4.98
C ASN A 369 -3.13 31.32 3.92
N VAL A 370 -3.27 32.63 4.06
CA VAL A 370 -2.77 33.57 3.05
C VAL A 370 -1.29 33.85 3.23
N THR A 371 -0.55 33.92 2.13
CA THR A 371 0.87 34.25 2.18
C THR A 371 1.08 35.61 2.84
N LYS A 372 2.21 35.76 3.53
CA LYS A 372 2.56 37.04 4.13
C LYS A 372 2.93 38.08 3.09
N GLY A 373 3.31 37.61 1.90
CA GLY A 373 3.65 38.51 0.82
C GLY A 373 4.61 37.90 -0.19
N TYR A 374 4.62 38.46 -1.40
CA TYR A 374 5.53 37.98 -2.44
C TYR A 374 6.97 38.20 -1.99
N LYS A 375 7.86 37.30 -2.38
CA LYS A 375 9.25 37.38 -1.96
C LYS A 375 9.97 38.53 -2.65
N ASN A 376 10.61 39.37 -1.85
CA ASN A 376 11.42 40.49 -2.34
C ASN A 376 10.72 41.32 -3.41
N ASN A 377 9.49 41.74 -3.11
CA ASN A 377 8.71 42.52 -4.06
C ASN A 377 7.79 43.52 -3.35
N PRO A 378 8.37 44.62 -2.88
CA PRO A 378 7.62 45.64 -2.12
C PRO A 378 6.45 46.19 -2.90
N GLU A 379 6.65 46.43 -4.19
CA GLU A 379 5.60 46.93 -5.06
C GLU A 379 4.36 46.04 -5.08
N ALA A 380 4.57 44.76 -5.41
CA ALA A 380 3.46 43.82 -5.54
C ALA A 380 2.74 43.64 -4.20
N ASN A 381 3.48 43.74 -3.11
CA ASN A 381 2.90 43.59 -1.77
C ASN A 381 2.11 44.82 -1.33
N LYS A 382 2.59 46.00 -1.69
CA LYS A 382 1.88 47.24 -1.41
C LYS A 382 0.59 47.26 -2.23
N ALA A 383 0.67 46.80 -3.48
CA ALA A 383 -0.51 46.79 -4.34
C ALA A 383 -1.52 45.70 -3.94
N GLY A 384 -1.02 44.59 -3.42
CA GLY A 384 -1.86 43.42 -3.19
C GLY A 384 -2.39 43.26 -1.78
N PHE A 385 -1.75 43.89 -0.80
CA PHE A 385 -2.11 43.70 0.60
C PHE A 385 -2.42 45.01 1.32
N GLU A 386 -3.48 45.01 2.12
CA GLU A 386 -3.82 46.14 2.98
C GLU A 386 -4.55 45.68 4.25
N PHE A 387 -3.94 45.98 5.40
CA PHE A 387 -4.47 45.61 6.71
C PHE A 387 -4.80 44.11 6.79
N GLY A 388 -3.92 43.29 6.22
CA GLY A 388 -4.09 41.85 6.25
C GLY A 388 -4.87 41.28 5.08
N TRP A 389 -5.57 42.14 4.34
CA TRP A 389 -6.42 41.71 3.24
C TRP A 389 -5.67 41.59 1.92
N PHE A 390 -5.83 40.44 1.24
CA PHE A 390 -5.19 40.21 -0.05
C PHE A 390 -6.18 40.35 -1.21
N HIS A 391 -5.79 41.09 -2.24
CA HIS A 391 -6.61 41.26 -3.43
C HIS A 391 -6.37 40.13 -4.43
N THR A 392 -7.41 39.36 -4.72
CA THR A 392 -7.27 38.16 -5.55
C THR A 392 -7.09 38.43 -7.03
N GLY A 393 -7.59 39.58 -7.50
CA GLY A 393 -7.58 39.88 -8.91
C GLY A 393 -8.84 39.39 -9.61
N ASP A 394 -9.77 38.84 -8.83
CA ASP A 394 -11.05 38.37 -9.36
C ASP A 394 -12.19 39.34 -9.05
N ILE A 395 -13.06 39.52 -10.03
CA ILE A 395 -14.33 40.22 -9.82
C ILE A 395 -15.43 39.18 -9.59
N GLY A 396 -16.19 39.41 -8.53
CA GLY A 396 -17.32 38.58 -8.16
C GLY A 396 -18.33 39.29 -7.29
N TYR A 397 -19.33 38.55 -6.80
CA TYR A 397 -20.34 39.09 -5.89
C TYR A 397 -20.92 37.98 -5.03
N PHE A 398 -21.39 38.35 -3.84
CA PHE A 398 -22.12 37.42 -2.97
C PHE A 398 -23.61 37.50 -3.23
N ASP A 399 -24.30 36.35 -3.30
CA ASP A 399 -25.75 36.41 -3.38
C ASP A 399 -26.30 36.51 -1.96
N THR A 400 -27.63 36.49 -1.83
CA THR A 400 -28.25 36.72 -0.54
C THR A 400 -27.97 35.60 0.46
N ASP A 401 -27.53 34.44 -0.05
CA ASP A 401 -27.20 33.31 0.82
C ASP A 401 -25.73 33.28 1.21
N GLY A 402 -24.96 34.26 0.72
CA GLY A 402 -23.55 34.34 1.03
C GLY A 402 -22.69 33.46 0.13
N TYR A 403 -23.28 33.01 -0.97
CA TYR A 403 -22.54 32.22 -1.96
C TYR A 403 -21.83 33.14 -2.94
N LEU A 404 -20.55 32.88 -3.19
CA LEU A 404 -19.77 33.70 -4.11
C LEU A 404 -20.00 33.30 -5.57
N HIS A 405 -20.24 34.31 -6.40
CA HIS A 405 -20.35 34.12 -7.85
C HIS A 405 -19.24 34.88 -8.55
N LEU A 406 -18.35 34.16 -9.23
CA LEU A 406 -17.24 34.80 -9.93
C LEU A 406 -17.70 35.39 -11.25
N VAL A 407 -17.19 36.57 -11.56
CA VAL A 407 -17.48 37.23 -12.84
C VAL A 407 -16.26 37.06 -13.74
N GLY A 408 -15.07 37.17 -13.15
CA GLY A 408 -13.86 36.85 -13.91
C GLY A 408 -12.65 37.65 -13.52
N ARG A 409 -11.50 37.31 -14.09
CA ARG A 409 -10.28 38.09 -13.87
C ARG A 409 -10.50 39.53 -14.30
N ILE A 410 -10.03 40.48 -13.48
CA ILE A 410 -10.12 41.89 -13.83
C ILE A 410 -9.53 42.15 -15.21
N LYS A 411 -8.39 41.55 -15.48
CA LYS A 411 -7.68 41.75 -16.74
C LYS A 411 -8.31 41.02 -17.91
N GLU A 412 -9.28 40.15 -17.64
CA GLU A 412 -9.88 39.35 -18.70
C GLU A 412 -11.30 39.77 -19.09
N LEU A 413 -11.93 40.62 -18.28
CA LEU A 413 -13.27 41.11 -18.61
C LEU A 413 -13.21 41.91 -19.91
N ILE A 414 -14.23 41.76 -20.75
CA ILE A 414 -14.20 42.38 -22.07
C ILE A 414 -15.03 43.66 -22.13
N ASN A 415 -14.35 44.80 -22.16
CA ASN A 415 -15.04 46.08 -22.14
C ASN A 415 -15.52 46.52 -23.53
N ARG A 416 -16.75 46.15 -23.88
CA ARG A 416 -17.32 46.50 -25.16
C ARG A 416 -18.18 47.76 -25.06
N GLY A 417 -17.61 48.89 -25.43
CA GLY A 417 -18.31 50.16 -25.44
C GLY A 417 -18.91 50.54 -24.10
N GLY A 418 -18.20 50.23 -23.02
CA GLY A 418 -18.68 50.55 -21.68
C GLY A 418 -19.39 49.39 -21.02
N GLU A 419 -19.76 48.38 -21.81
CA GLU A 419 -20.45 47.22 -21.29
C GLU A 419 -19.49 46.03 -21.11
N LYS A 420 -19.27 45.64 -19.87
CA LYS A 420 -18.31 44.58 -19.56
C LYS A 420 -18.90 43.18 -19.73
N ILE A 421 -18.26 42.39 -20.57
CA ILE A 421 -18.66 41.01 -20.84
C ILE A 421 -17.81 40.04 -20.03
N SER A 422 -18.48 39.07 -19.41
CA SER A 422 -17.81 38.00 -18.67
C SER A 422 -17.55 36.79 -19.55
N PRO A 423 -16.27 36.53 -19.87
CA PRO A 423 -15.89 35.36 -20.68
C PRO A 423 -16.34 34.02 -20.07
N ILE A 424 -16.39 33.93 -18.75
CA ILE A 424 -16.88 32.74 -18.06
C ILE A 424 -18.30 32.33 -18.51
N GLU A 425 -19.19 33.32 -18.50
CA GLU A 425 -20.59 33.12 -18.86
C GLU A 425 -20.72 32.57 -20.29
N VAL A 426 -20.01 33.22 -21.19
CA VAL A 426 -20.03 32.86 -22.60
C VAL A 426 -19.42 31.48 -22.80
N ASP A 427 -18.35 31.17 -22.07
CA ASP A 427 -17.76 29.83 -22.09
C ASP A 427 -18.81 28.78 -21.74
N ALA A 428 -19.52 29.01 -20.65
CA ALA A 428 -20.56 28.08 -20.21
C ALA A 428 -21.60 27.87 -21.32
N VAL A 429 -22.06 28.99 -21.89
CA VAL A 429 -23.02 28.90 -22.99
C VAL A 429 -22.48 28.04 -24.14
N LEU A 430 -21.24 28.31 -24.54
CA LEU A 430 -20.58 27.57 -25.61
C LEU A 430 -20.56 26.08 -25.32
N LEU A 431 -20.26 25.73 -24.08
CA LEU A 431 -20.20 24.33 -23.69
C LEU A 431 -21.59 23.68 -23.65
N THR A 432 -22.64 24.49 -23.57
CA THR A 432 -23.98 23.88 -23.64
C THR A 432 -24.40 23.41 -25.04
N HIS A 433 -23.65 23.81 -26.08
CA HIS A 433 -23.96 23.39 -27.45
C HIS A 433 -23.67 21.89 -27.63
N PRO A 434 -24.61 21.15 -28.24
CA PRO A 434 -24.53 19.69 -28.34
C PRO A 434 -23.27 19.18 -29.04
N ASP A 435 -22.73 19.98 -29.96
CA ASP A 435 -21.60 19.54 -30.76
C ASP A 435 -20.28 20.20 -30.38
N VAL A 436 -20.27 20.90 -29.25
CA VAL A 436 -19.05 21.57 -28.80
C VAL A 436 -18.32 20.75 -27.73
N SER A 437 -17.10 20.35 -28.06
CA SER A 437 -16.26 19.61 -27.12
C SER A 437 -15.58 20.56 -26.15
N GLN A 438 -14.96 21.61 -26.67
CA GLN A 438 -14.33 22.62 -25.82
C GLN A 438 -14.59 24.01 -26.36
N GLY A 439 -14.44 25.02 -25.51
CA GLY A 439 -14.68 26.39 -25.93
C GLY A 439 -14.09 27.45 -25.02
N VAL A 440 -13.67 28.57 -25.61
CA VAL A 440 -13.10 29.67 -24.84
C VAL A 440 -13.37 31.02 -25.49
N ALA A 441 -13.96 31.94 -24.73
CA ALA A 441 -14.17 33.30 -25.20
C ALA A 441 -13.02 34.19 -24.76
N PHE A 442 -12.78 35.26 -25.50
CA PHE A 442 -11.67 36.15 -25.18
C PHE A 442 -11.85 37.53 -25.83
N GLY A 443 -11.23 38.53 -25.22
CA GLY A 443 -11.33 39.89 -25.70
C GLY A 443 -10.32 40.19 -26.79
N VAL A 444 -10.74 40.98 -27.77
CA VAL A 444 -9.87 41.37 -28.88
C VAL A 444 -9.96 42.88 -29.05
N PRO A 445 -8.93 43.50 -29.67
CA PRO A 445 -9.04 44.93 -29.95
C PRO A 445 -10.18 45.24 -30.89
N ASP A 446 -10.83 46.37 -30.71
CA ASP A 446 -11.90 46.77 -31.60
C ASP A 446 -11.93 48.28 -31.78
N GLU A 447 -12.00 48.68 -33.04
CA GLU A 447 -12.02 50.07 -33.44
C GLU A 447 -13.19 50.84 -32.82
N LYS A 448 -14.39 50.31 -32.99
CA LYS A 448 -15.60 51.00 -32.56
C LYS A 448 -15.84 50.91 -31.05
N TYR A 449 -15.69 49.71 -30.50
CA TYR A 449 -16.09 49.46 -29.11
C TYR A 449 -14.92 49.39 -28.13
N GLY A 450 -13.70 49.59 -28.63
CA GLY A 450 -12.52 49.47 -27.80
C GLY A 450 -12.11 48.01 -27.70
N GLU A 451 -13.00 47.19 -27.16
CA GLU A 451 -12.80 45.75 -27.12
C GLU A 451 -14.03 45.02 -27.65
N GLU A 452 -13.80 43.86 -28.27
CA GLU A 452 -14.89 43.04 -28.78
C GLU A 452 -14.69 41.62 -28.28
N ILE A 453 -15.76 40.83 -28.22
CA ILE A 453 -15.62 39.44 -27.81
C ILE A 453 -15.50 38.50 -29.02
N ASN A 454 -14.47 37.65 -28.98
CA ASN A 454 -14.34 36.55 -29.93
C ASN A 454 -14.35 35.24 -29.15
N CYS A 455 -14.35 34.12 -29.85
CA CYS A 455 -14.24 32.83 -29.17
C CYS A 455 -13.69 31.75 -30.10
N ALA A 456 -13.17 30.69 -29.51
CA ALA A 456 -12.71 29.54 -30.26
C ALA A 456 -13.35 28.27 -29.71
N VAL A 457 -13.79 27.38 -30.59
CA VAL A 457 -14.39 26.14 -30.14
C VAL A 457 -13.79 24.91 -30.82
N ILE A 458 -13.81 23.80 -30.10
CA ILE A 458 -13.45 22.49 -30.63
C ILE A 458 -14.70 21.64 -30.69
N PRO A 459 -15.11 21.25 -31.91
CA PRO A 459 -16.28 20.40 -32.14
C PRO A 459 -16.04 18.97 -31.68
N ARG A 460 -17.12 18.28 -31.32
CA ARG A 460 -17.01 16.88 -30.96
C ARG A 460 -16.67 16.12 -32.25
N GLU A 461 -15.77 15.16 -32.15
CA GLU A 461 -15.36 14.37 -33.31
C GLU A 461 -16.57 13.70 -33.97
N GLY A 462 -16.62 13.76 -35.29
CA GLY A 462 -17.68 13.15 -36.06
C GLY A 462 -18.79 14.15 -36.32
N THR A 463 -18.69 15.31 -35.66
CA THR A 463 -19.68 16.38 -35.84
C THR A 463 -19.07 17.52 -36.65
N THR A 464 -19.92 18.32 -37.26
CA THR A 464 -19.47 19.51 -38.00
C THR A 464 -20.13 20.77 -37.45
N VAL A 465 -19.32 21.76 -37.09
CA VAL A 465 -19.86 23.02 -36.60
C VAL A 465 -19.27 24.20 -37.36
N THR A 466 -20.11 25.19 -37.61
CA THR A 466 -19.68 26.39 -38.32
C THR A 466 -19.68 27.59 -37.39
N GLU A 467 -19.04 28.67 -37.83
CA GLU A 467 -19.03 29.93 -37.09
C GLU A 467 -20.46 30.42 -36.84
N GLU A 468 -21.31 30.29 -37.85
CA GLU A 468 -22.63 30.88 -37.70
C GLU A 468 -23.60 29.96 -36.97
N ASP A 469 -23.31 28.65 -36.89
CA ASP A 469 -24.04 27.76 -35.98
C ASP A 469 -23.85 28.25 -34.55
N ILE A 470 -22.58 28.42 -34.19
CA ILE A 470 -22.19 28.87 -32.86
C ILE A 470 -22.80 30.24 -32.56
N LYS A 471 -22.70 31.14 -33.54
CA LYS A 471 -23.24 32.47 -33.37
C LYS A 471 -24.76 32.44 -33.17
N ALA A 472 -25.46 31.64 -33.96
CA ALA A 472 -26.91 31.52 -33.81
C ALA A 472 -27.30 30.99 -32.43
N PHE A 473 -26.59 29.95 -31.99
CA PHE A 473 -26.83 29.35 -30.68
C PHE A 473 -26.61 30.36 -29.55
N CYS A 474 -25.49 31.07 -29.62
CA CYS A 474 -25.16 32.12 -28.64
C CYS A 474 -26.20 33.21 -28.62
N LYS A 475 -26.62 33.65 -29.79
CA LYS A 475 -27.66 34.68 -29.90
C LYS A 475 -28.96 34.17 -29.29
N LYS A 476 -29.14 32.85 -29.31
CA LYS A 476 -30.33 32.26 -28.72
C LYS A 476 -30.19 32.20 -27.20
N ASN A 477 -28.95 32.18 -26.70
CA ASN A 477 -28.77 32.07 -25.25
C ASN A 477 -28.07 33.24 -24.54
N LEU A 478 -27.83 34.34 -25.26
CA LEU A 478 -27.17 35.49 -24.66
C LEU A 478 -27.77 36.80 -25.14
N ALA A 479 -27.69 37.83 -24.29
CA ALA A 479 -28.01 39.19 -24.72
C ALA A 479 -27.08 39.54 -25.88
N ALA A 480 -27.61 40.25 -26.87
CA ALA A 480 -26.94 40.48 -28.14
C ALA A 480 -25.50 40.98 -28.01
N PHE A 481 -25.25 41.90 -27.07
CA PHE A 481 -23.92 42.49 -26.96
C PHE A 481 -22.87 41.50 -26.47
N LYS A 482 -23.32 40.38 -25.90
CA LYS A 482 -22.39 39.38 -25.37
C LYS A 482 -21.94 38.38 -26.44
N VAL A 483 -22.65 38.36 -27.56
CA VAL A 483 -22.42 37.35 -28.58
C VAL A 483 -21.08 37.57 -29.29
N PRO A 484 -20.23 36.53 -29.32
CA PRO A 484 -18.94 36.56 -30.02
C PRO A 484 -19.13 36.96 -31.48
N LYS A 485 -18.40 37.98 -31.93
CA LYS A 485 -18.56 38.42 -33.32
C LYS A 485 -17.77 37.52 -34.26
N ARG A 486 -16.73 36.87 -33.74
CA ARG A 486 -16.00 35.89 -34.51
C ARG A 486 -15.82 34.58 -33.75
N VAL A 487 -16.11 33.48 -34.43
CA VAL A 487 -15.95 32.14 -33.88
C VAL A 487 -14.91 31.36 -34.68
N PHE A 488 -13.83 31.00 -34.01
CA PHE A 488 -12.75 30.24 -34.64
C PHE A 488 -12.92 28.76 -34.34
N ILE A 489 -13.15 27.98 -35.40
CA ILE A 489 -13.21 26.53 -35.27
C ILE A 489 -11.80 25.99 -35.26
N THR A 490 -11.48 25.16 -34.28
CA THR A 490 -10.14 24.61 -34.18
C THR A 490 -10.12 23.19 -33.65
N ASP A 491 -8.98 22.54 -33.76
CA ASP A 491 -8.84 21.14 -33.37
C ASP A 491 -8.12 20.99 -32.04
N ASN A 492 -7.47 22.06 -31.60
CA ASN A 492 -6.66 22.00 -30.38
C ASN A 492 -6.67 23.31 -29.61
N LEU A 493 -6.76 23.21 -28.29
CA LEU A 493 -6.67 24.38 -27.43
C LEU A 493 -5.59 24.12 -26.38
N PRO A 494 -4.48 24.86 -26.44
CA PRO A 494 -3.34 24.61 -25.56
C PRO A 494 -3.69 24.77 -24.08
N LYS A 495 -3.13 23.91 -23.25
CA LYS A 495 -3.36 23.98 -21.81
C LYS A 495 -2.06 23.96 -21.03
N THR A 496 -2.07 24.61 -19.87
CA THR A 496 -0.93 24.56 -18.96
C THR A 496 -0.81 23.17 -18.36
N ALA A 497 0.27 22.92 -17.63
CA ALA A 497 0.47 21.63 -16.97
C ALA A 497 -0.62 21.38 -15.92
N SER A 498 -1.12 22.46 -15.33
CA SER A 498 -2.17 22.37 -14.32
C SER A 498 -3.54 22.12 -14.94
N GLY A 499 -3.64 22.35 -16.25
CA GLY A 499 -4.86 22.06 -16.98
C GLY A 499 -5.71 23.28 -17.27
N LYS A 500 -5.08 24.44 -17.36
CA LYS A 500 -5.80 25.68 -17.65
C LYS A 500 -5.62 26.16 -19.08
N ILE A 501 -6.69 26.71 -19.66
CA ILE A 501 -6.59 27.39 -20.94
C ILE A 501 -6.38 28.88 -20.68
N GLN A 502 -5.36 29.47 -21.30
CA GLN A 502 -5.06 30.89 -21.09
C GLN A 502 -5.62 31.75 -22.22
N ARG A 503 -6.61 32.57 -21.90
CA ARG A 503 -7.36 33.36 -22.88
C ARG A 503 -6.49 34.23 -23.77
N ARG A 504 -5.54 34.95 -23.17
CA ARG A 504 -4.68 35.84 -23.95
C ARG A 504 -3.88 35.10 -25.01
N ILE A 505 -3.37 33.93 -24.64
CA ILE A 505 -2.58 33.11 -25.55
C ILE A 505 -3.42 32.68 -26.76
N VAL A 506 -4.62 32.18 -26.50
CA VAL A 506 -5.54 31.77 -27.57
C VAL A 506 -5.89 32.96 -28.47
N ALA A 507 -6.15 34.09 -27.82
CA ALA A 507 -6.46 35.33 -28.53
C ALA A 507 -5.42 35.66 -29.58
N GLN A 508 -4.20 35.94 -29.11
CA GLN A 508 -3.00 36.20 -29.89
C GLN A 508 -2.85 35.20 -31.03
N HIS A 509 -3.10 33.95 -30.66
CA HIS A 509 -2.93 32.85 -31.60
C HIS A 509 -3.89 33.02 -32.77
N PHE A 510 -5.13 33.44 -32.48
CA PHE A 510 -6.11 33.57 -33.56
C PHE A 510 -6.29 34.97 -34.16
N LEU A 511 -5.66 36.01 -33.59
CA LEU A 511 -5.93 37.37 -34.08
C LEU A 511 -5.10 38.01 -35.20
N GLU A 512 -3.77 37.91 -35.11
CA GLU A 512 -2.93 38.63 -36.07
C GLU A 512 -3.11 38.15 -37.50
N MET B 1 6.69 -8.42 -13.05
CA MET B 1 5.49 -9.21 -12.79
C MET B 1 4.82 -8.89 -11.47
N ASP B 2 5.45 -8.07 -10.65
CA ASP B 2 4.92 -7.80 -9.31
C ASP B 2 3.56 -7.11 -9.33
N SER B 3 2.80 -7.35 -8.27
CA SER B 3 1.51 -6.70 -8.05
C SER B 3 1.27 -6.64 -6.54
N ASP B 4 0.35 -5.79 -6.10
CA ASP B 4 0.06 -5.70 -4.68
C ASP B 4 -1.15 -6.55 -4.30
N THR B 5 -1.58 -7.39 -5.23
CA THR B 5 -2.53 -8.46 -4.91
C THR B 5 -1.95 -9.77 -5.43
N LEU B 6 -2.22 -10.86 -4.73
CA LEU B 6 -1.73 -12.17 -5.16
C LEU B 6 -2.36 -12.57 -6.48
N SER B 7 -3.67 -12.34 -6.61
CA SER B 7 -4.38 -12.69 -7.84
C SER B 7 -3.82 -11.97 -9.06
N GLY B 8 -3.53 -10.69 -8.92
CA GLY B 8 -2.96 -9.90 -9.99
C GLY B 8 -1.58 -10.41 -10.38
N LEU B 9 -0.79 -10.75 -9.36
CA LEU B 9 0.56 -11.25 -9.56
C LEU B 9 0.52 -12.55 -10.35
N LEU B 10 -0.40 -13.43 -9.93
CA LEU B 10 -0.56 -14.72 -10.59
C LEU B 10 -1.06 -14.58 -12.02
N GLU B 11 -1.90 -13.59 -12.26
CA GLU B 11 -2.36 -13.32 -13.62
C GLU B 11 -1.18 -12.90 -14.48
N ASN B 12 -0.35 -12.01 -13.95
CA ASN B 12 0.85 -11.58 -14.65
C ASN B 12 1.77 -12.75 -14.99
N VAL B 13 1.96 -13.62 -14.01
CA VAL B 13 2.78 -14.82 -14.18
C VAL B 13 2.23 -15.71 -15.28
N ALA B 14 0.93 -16.00 -15.21
CA ALA B 14 0.26 -16.82 -16.22
C ALA B 14 0.44 -16.24 -17.61
N LYS B 15 0.30 -14.92 -17.75
CA LYS B 15 0.47 -14.29 -19.05
C LYS B 15 1.92 -14.36 -19.53
N LYS B 16 2.87 -14.30 -18.60
CA LYS B 16 4.29 -14.31 -18.99
C LYS B 16 4.81 -15.71 -19.29
N PHE B 17 4.37 -16.69 -18.52
CA PHE B 17 4.84 -18.07 -18.66
C PHE B 17 3.70 -19.06 -18.87
N PRO B 18 2.90 -18.87 -19.93
CA PRO B 18 1.67 -19.65 -20.04
C PRO B 18 1.92 -21.15 -20.20
N ASP B 19 3.02 -21.53 -20.84
CA ASP B 19 3.30 -22.93 -21.14
C ASP B 19 4.23 -23.61 -20.14
N ARG B 20 4.73 -22.85 -19.17
CA ARG B 20 5.57 -23.44 -18.14
C ARG B 20 4.74 -24.24 -17.17
N ARG B 21 5.34 -25.30 -16.62
CA ARG B 21 4.63 -26.14 -15.67
C ARG B 21 4.37 -25.37 -14.38
N ALA B 22 3.16 -25.49 -13.88
CA ALA B 22 2.76 -24.83 -12.65
C ALA B 22 2.49 -25.82 -11.53
N LEU B 23 1.68 -26.84 -11.83
CA LEU B 23 1.22 -27.74 -10.78
C LEU B 23 1.05 -29.17 -11.25
N SER B 24 1.82 -30.08 -10.65
CA SER B 24 1.75 -31.49 -10.95
C SER B 24 1.17 -32.26 -9.77
N VAL B 25 0.47 -33.35 -10.08
CA VAL B 25 0.17 -34.36 -9.09
C VAL B 25 0.91 -35.61 -9.54
N SER B 26 1.81 -36.10 -8.69
CA SER B 26 2.73 -37.17 -9.08
C SER B 26 2.02 -38.34 -9.73
N GLY B 27 2.45 -38.66 -10.95
CA GLY B 27 1.92 -39.79 -11.70
C GLY B 27 0.62 -39.50 -12.43
N LYS B 28 0.11 -38.28 -12.28
CA LYS B 28 -1.21 -37.97 -12.83
C LYS B 28 -1.26 -36.65 -13.59
N PHE B 29 -1.35 -35.53 -12.87
CA PHE B 29 -1.55 -34.23 -13.51
C PHE B 29 -0.26 -33.46 -13.73
N ASN B 30 -0.26 -32.63 -14.77
CA ASN B 30 0.83 -31.69 -15.04
C ASN B 30 0.29 -30.41 -15.67
N LEU B 31 -0.31 -29.56 -14.85
CA LEU B 31 -0.97 -28.35 -15.31
C LEU B 31 0.02 -27.22 -15.59
N THR B 32 -0.17 -26.50 -16.71
CA THR B 32 0.63 -25.32 -17.00
C THR B 32 0.04 -24.11 -16.29
N HIS B 33 0.76 -23.00 -16.28
CA HIS B 33 0.29 -21.79 -15.61
C HIS B 33 -0.95 -21.21 -16.29
N ALA B 34 -1.02 -21.27 -17.61
CA ALA B 34 -2.21 -20.82 -18.32
C ALA B 34 -3.43 -21.67 -17.99
N ARG B 35 -3.26 -22.99 -18.10
CA ARG B 35 -4.32 -23.94 -17.79
C ARG B 35 -4.83 -23.77 -16.37
N LEU B 36 -3.89 -23.74 -15.41
CA LEU B 36 -4.24 -23.51 -14.01
C LEU B 36 -4.99 -22.19 -13.85
N HIS B 37 -4.49 -21.15 -14.50
CA HIS B 37 -5.11 -19.82 -14.41
C HIS B 37 -6.57 -19.85 -14.86
N ASP B 38 -6.83 -20.47 -16.01
CA ASP B 38 -8.19 -20.53 -16.53
C ASP B 38 -9.09 -21.42 -15.69
N LEU B 39 -8.54 -22.52 -15.16
CA LEU B 39 -9.31 -23.37 -14.26
C LEU B 39 -9.77 -22.58 -13.03
N ILE B 40 -8.84 -21.80 -12.48
CA ILE B 40 -9.14 -20.95 -11.33
C ILE B 40 -10.21 -19.92 -11.69
N GLU B 41 -10.04 -19.28 -12.85
CA GLU B 41 -10.98 -18.27 -13.30
C GLU B 41 -12.40 -18.82 -13.42
N ARG B 42 -12.54 -19.97 -14.08
CA ARG B 42 -13.84 -20.57 -14.30
C ARG B 42 -14.46 -21.04 -12.98
N ALA B 43 -13.62 -21.58 -12.10
CA ALA B 43 -14.10 -22.00 -10.78
C ALA B 43 -14.59 -20.80 -9.95
N ALA B 44 -13.88 -19.68 -10.03
CA ALA B 44 -14.26 -18.46 -9.31
C ALA B 44 -15.58 -17.93 -9.86
N SER B 45 -15.71 -17.95 -11.18
CA SER B 45 -16.95 -17.52 -11.81
C SER B 45 -18.11 -18.40 -11.36
N ARG B 46 -17.87 -19.70 -11.22
CA ARG B 46 -18.90 -20.61 -10.70
C ARG B 46 -19.26 -20.30 -9.25
N LEU B 47 -18.25 -19.98 -8.45
CA LEU B 47 -18.48 -19.61 -7.05
C LEU B 47 -19.36 -18.38 -6.94
N VAL B 48 -19.09 -17.38 -7.78
CA VAL B 48 -19.87 -16.15 -7.75
C VAL B 48 -21.29 -16.36 -8.26
N SER B 49 -21.41 -16.97 -9.43
CA SER B 49 -22.72 -17.07 -10.09
C SER B 49 -23.63 -18.16 -9.52
N ASP B 50 -23.06 -19.29 -9.12
CA ASP B 50 -23.87 -20.45 -8.75
C ASP B 50 -23.84 -20.78 -7.26
N ALA B 51 -22.78 -20.37 -6.57
CA ALA B 51 -22.68 -20.64 -5.14
C ALA B 51 -22.99 -19.39 -4.33
N GLY B 52 -23.29 -18.31 -5.03
CA GLY B 52 -23.68 -17.06 -4.40
C GLY B 52 -22.61 -16.39 -3.56
N ILE B 53 -21.35 -16.62 -3.91
CA ILE B 53 -20.24 -16.06 -3.15
C ILE B 53 -20.03 -14.58 -3.46
N LYS B 54 -20.11 -13.75 -2.43
CA LYS B 54 -19.97 -12.31 -2.57
C LYS B 54 -18.66 -11.85 -1.92
N PRO B 55 -18.16 -10.67 -2.32
CA PRO B 55 -16.94 -10.14 -1.72
C PRO B 55 -17.02 -10.06 -0.20
N GLY B 56 -16.00 -10.56 0.49
CA GLY B 56 -16.00 -10.55 1.94
C GLY B 56 -16.51 -11.83 2.57
N ASP B 57 -17.17 -12.68 1.77
CA ASP B 57 -17.61 -13.98 2.26
C ASP B 57 -16.43 -14.87 2.62
N VAL B 58 -16.59 -15.67 3.67
CA VAL B 58 -15.58 -16.64 4.06
C VAL B 58 -15.97 -18.03 3.57
N VAL B 59 -15.10 -18.66 2.79
CA VAL B 59 -15.32 -20.01 2.31
C VAL B 59 -14.29 -20.94 2.93
N ALA B 60 -14.77 -21.91 3.70
CA ALA B 60 -13.91 -22.89 4.35
C ALA B 60 -13.53 -23.99 3.38
N LEU B 61 -12.31 -24.50 3.52
CA LEU B 61 -11.86 -25.63 2.70
C LEU B 61 -11.20 -26.70 3.55
N THR B 62 -11.56 -27.95 3.32
CA THR B 62 -10.83 -29.04 3.96
C THR B 62 -10.54 -30.12 2.91
N PHE B 63 -9.25 -30.22 2.56
CA PHE B 63 -8.75 -31.12 1.52
C PHE B 63 -7.46 -31.76 1.99
N PRO B 64 -7.07 -32.87 1.36
CA PRO B 64 -5.65 -33.22 1.44
C PRO B 64 -4.85 -32.26 0.56
N ASN B 65 -3.53 -32.43 0.45
CA ASN B 65 -2.76 -31.60 -0.46
C ASN B 65 -3.03 -32.02 -1.90
N THR B 66 -4.11 -31.52 -2.47
CA THR B 66 -4.58 -31.97 -3.79
C THR B 66 -4.70 -30.83 -4.78
N VAL B 67 -4.83 -31.17 -6.06
CA VAL B 67 -4.94 -30.14 -7.10
C VAL B 67 -6.23 -29.34 -6.91
N GLU B 68 -7.28 -30.02 -6.46
CA GLU B 68 -8.56 -29.36 -6.22
C GLU B 68 -8.42 -28.32 -5.12
N PHE B 69 -7.63 -28.61 -4.08
CA PHE B 69 -7.43 -27.61 -3.04
C PHE B 69 -6.76 -26.36 -3.58
N VAL B 70 -5.72 -26.54 -4.39
CA VAL B 70 -5.00 -25.39 -4.95
C VAL B 70 -5.95 -24.54 -5.78
N ILE B 71 -6.60 -25.21 -6.73
CA ILE B 71 -7.54 -24.53 -7.62
C ILE B 71 -8.62 -23.80 -6.85
N MET B 72 -9.25 -24.46 -5.88
CA MET B 72 -10.36 -23.86 -5.15
C MET B 72 -9.93 -22.76 -4.19
N PHE B 73 -8.73 -22.90 -3.61
CA PHE B 73 -8.16 -21.84 -2.77
C PHE B 73 -8.02 -20.57 -3.59
N LEU B 74 -7.33 -20.70 -4.73
CA LEU B 74 -7.09 -19.53 -5.56
C LEU B 74 -8.38 -19.00 -6.19
N ALA B 75 -9.34 -19.89 -6.43
CA ALA B 75 -10.64 -19.48 -6.97
C ALA B 75 -11.41 -18.68 -5.92
N VAL B 76 -11.33 -19.12 -4.67
CA VAL B 76 -11.98 -18.42 -3.57
C VAL B 76 -11.40 -17.03 -3.44
N ILE B 77 -10.06 -16.91 -3.38
CA ILE B 77 -9.54 -15.55 -3.22
C ILE B 77 -9.76 -14.70 -4.48
N ARG B 78 -9.83 -15.32 -5.66
CA ARG B 78 -10.08 -14.60 -6.90
C ARG B 78 -11.48 -13.97 -6.92
N ALA B 79 -12.44 -14.69 -6.33
CA ALA B 79 -13.82 -14.21 -6.27
C ALA B 79 -14.01 -13.16 -5.19
N ARG B 80 -12.90 -12.63 -4.68
CA ARG B 80 -12.86 -11.63 -3.61
C ARG B 80 -13.37 -12.19 -2.29
N ALA B 81 -13.29 -13.50 -2.13
CA ALA B 81 -13.70 -14.14 -0.89
C ALA B 81 -12.48 -14.50 -0.05
N THR B 82 -12.72 -14.94 1.18
CA THR B 82 -11.65 -15.29 2.11
C THR B 82 -11.58 -16.79 2.31
N ALA B 83 -10.44 -17.39 1.99
CA ALA B 83 -10.27 -18.82 2.16
C ALA B 83 -9.91 -19.17 3.60
N ALA B 84 -10.63 -20.15 4.16
CA ALA B 84 -10.36 -20.66 5.50
C ALA B 84 -10.03 -22.16 5.44
N PRO B 85 -8.75 -22.48 5.15
CA PRO B 85 -8.31 -23.87 5.11
C PRO B 85 -8.36 -24.48 6.50
N LEU B 86 -8.83 -25.72 6.59
CA LEU B 86 -8.97 -26.40 7.87
C LEU B 86 -8.39 -27.80 7.82
N ASN B 87 -7.79 -28.22 8.92
CA ASN B 87 -7.24 -29.56 9.09
C ASN B 87 -8.32 -30.62 8.86
N ALA B 88 -8.07 -31.53 7.93
CA ALA B 88 -9.05 -32.57 7.60
C ALA B 88 -9.25 -33.57 8.73
N ALA B 89 -8.30 -33.62 9.66
CA ALA B 89 -8.37 -34.59 10.75
C ALA B 89 -9.13 -34.04 11.96
N TYR B 90 -9.68 -32.83 11.82
CA TYR B 90 -10.49 -32.24 12.89
C TYR B 90 -11.72 -33.08 13.19
N THR B 91 -12.16 -33.06 14.45
CA THR B 91 -13.41 -33.70 14.83
C THR B 91 -14.57 -32.80 14.46
N ALA B 92 -15.79 -33.33 14.56
CA ALA B 92 -16.98 -32.56 14.25
C ALA B 92 -17.10 -31.34 15.15
N GLU B 93 -16.68 -31.49 16.41
CA GLU B 93 -16.71 -30.40 17.37
C GLU B 93 -15.73 -29.30 16.99
N GLU B 94 -14.51 -29.70 16.67
CA GLU B 94 -13.47 -28.77 16.25
C GLU B 94 -13.89 -28.04 14.98
N PHE B 95 -14.38 -28.82 14.00
CA PHE B 95 -14.86 -28.25 12.75
C PHE B 95 -15.96 -27.24 13.01
N GLU B 96 -16.88 -27.57 13.91
CA GLU B 96 -17.96 -26.64 14.24
C GLU B 96 -17.41 -25.35 14.81
N PHE B 97 -16.43 -25.48 15.71
CA PHE B 97 -15.83 -24.29 16.30
C PHE B 97 -15.16 -23.40 15.24
N TYR B 98 -14.34 -23.98 14.38
CA TYR B 98 -13.59 -23.17 13.43
C TYR B 98 -14.48 -22.61 12.31
N LEU B 99 -15.49 -23.38 11.91
CA LEU B 99 -16.45 -22.92 10.92
C LEU B 99 -17.25 -21.75 11.47
N SER B 100 -17.72 -21.88 12.71
CA SER B 100 -18.49 -20.82 13.34
C SER B 100 -17.65 -19.56 13.56
N ASP B 101 -16.47 -19.73 14.12
CA ASP B 101 -15.62 -18.60 14.49
C ASP B 101 -15.12 -17.81 13.29
N SER B 102 -15.02 -18.47 12.14
CA SER B 102 -14.55 -17.81 10.93
C SER B 102 -15.69 -17.22 10.11
N ASP B 103 -16.92 -17.48 10.56
CA ASP B 103 -18.13 -17.07 9.85
C ASP B 103 -18.18 -17.61 8.42
N SER B 104 -17.73 -18.85 8.24
CA SER B 104 -17.79 -19.52 6.94
C SER B 104 -19.24 -19.65 6.46
N LYS B 105 -19.46 -19.32 5.19
CA LYS B 105 -20.77 -19.42 4.57
C LYS B 105 -20.85 -20.59 3.61
N LEU B 106 -19.71 -21.22 3.37
CA LEU B 106 -19.62 -22.34 2.44
C LEU B 106 -18.50 -23.28 2.84
N LEU B 107 -18.74 -24.59 2.70
CA LEU B 107 -17.72 -25.61 2.93
C LEU B 107 -17.35 -26.34 1.64
N LEU B 108 -16.08 -26.27 1.26
CA LEU B 108 -15.58 -27.00 0.09
C LEU B 108 -14.79 -28.23 0.52
N THR B 109 -15.10 -29.36 -0.11
CA THR B 109 -14.34 -30.60 0.09
C THR B 109 -14.12 -31.31 -1.24
N SER B 110 -13.38 -32.41 -1.20
CA SER B 110 -13.27 -33.28 -2.36
C SER B 110 -14.56 -34.07 -2.55
N LYS B 111 -14.63 -34.87 -3.61
CA LYS B 111 -15.80 -35.69 -3.86
C LYS B 111 -15.99 -36.73 -2.76
N GLU B 112 -14.88 -37.22 -2.19
CA GLU B 112 -14.94 -38.18 -1.10
C GLU B 112 -15.58 -37.55 0.14
N GLY B 113 -15.41 -36.25 0.28
CA GLY B 113 -16.04 -35.52 1.36
C GLY B 113 -15.30 -35.66 2.67
N ASN B 114 -15.90 -35.13 3.74
CA ASN B 114 -15.31 -35.16 5.06
C ASN B 114 -16.44 -35.21 6.09
N ALA B 115 -16.64 -36.39 6.68
CA ALA B 115 -17.83 -36.61 7.52
C ALA B 115 -17.92 -35.69 8.73
N PRO B 116 -16.84 -35.53 9.53
CA PRO B 116 -16.99 -34.60 10.65
C PRO B 116 -17.27 -33.16 10.19
N ALA B 117 -16.58 -32.74 9.13
CA ALA B 117 -16.75 -31.38 8.60
C ALA B 117 -18.16 -31.17 8.08
N GLN B 118 -18.68 -32.16 7.34
CA GLN B 118 -20.03 -32.08 6.80
C GLN B 118 -21.09 -32.12 7.91
N GLU B 119 -20.79 -32.85 8.99
CA GLU B 119 -21.66 -32.89 10.14
C GLU B 119 -21.74 -31.51 10.79
N ALA B 120 -20.57 -30.91 11.03
CA ALA B 120 -20.49 -29.57 11.59
C ALA B 120 -21.21 -28.56 10.71
N ALA B 121 -20.99 -28.65 9.41
CA ALA B 121 -21.59 -27.73 8.45
C ALA B 121 -23.10 -27.85 8.45
N SER B 122 -23.59 -29.09 8.46
CA SER B 122 -25.03 -29.36 8.51
C SER B 122 -25.64 -28.79 9.78
N LYS B 123 -24.95 -28.98 10.90
CA LYS B 123 -25.43 -28.46 12.19
C LYS B 123 -25.50 -26.94 12.17
N LEU B 124 -24.53 -26.30 11.52
CA LEU B 124 -24.48 -24.85 11.45
C LEU B 124 -25.24 -24.31 10.24
N LYS B 125 -25.83 -25.22 9.47
CA LYS B 125 -26.58 -24.88 8.26
C LYS B 125 -25.70 -24.16 7.24
N ILE B 126 -24.46 -24.61 7.12
CA ILE B 126 -23.53 -24.09 6.12
C ILE B 126 -23.52 -25.02 4.90
N SER B 127 -23.71 -24.45 3.72
CA SER B 127 -23.75 -25.24 2.49
C SER B 127 -22.44 -26.00 2.23
N HIS B 128 -22.57 -27.20 1.70
CA HIS B 128 -21.43 -28.04 1.36
C HIS B 128 -21.36 -28.30 -0.14
N VAL B 129 -20.19 -28.04 -0.73
CA VAL B 129 -19.98 -28.22 -2.16
C VAL B 129 -18.69 -29.00 -2.41
N THR B 130 -18.75 -29.98 -3.31
CA THR B 130 -17.57 -30.77 -3.63
C THR B 130 -16.90 -30.29 -4.90
N ALA B 131 -15.58 -30.52 -5.00
CA ALA B 131 -14.80 -30.11 -6.16
C ALA B 131 -13.95 -31.26 -6.67
N THR B 132 -14.03 -31.52 -7.98
CA THR B 132 -13.29 -32.61 -8.60
C THR B 132 -12.70 -32.21 -9.94
N LEU B 133 -11.41 -32.47 -10.13
CA LEU B 133 -10.77 -32.23 -11.42
C LEU B 133 -10.73 -33.52 -12.23
N LEU B 134 -11.36 -33.52 -13.39
CA LEU B 134 -11.40 -34.70 -14.25
C LEU B 134 -10.29 -34.67 -15.28
N ASP B 135 -10.65 -34.74 -16.56
CA ASP B 135 -9.67 -34.75 -17.64
C ASP B 135 -9.19 -33.34 -17.96
N ALA B 136 -8.14 -33.25 -18.77
CA ALA B 136 -7.49 -31.98 -19.06
C ALA B 136 -8.28 -31.09 -20.03
N GLY B 137 -9.42 -31.59 -20.49
CA GLY B 137 -10.25 -30.83 -21.41
C GLY B 137 -11.52 -30.32 -20.76
N SER B 138 -11.66 -30.60 -19.47
CA SER B 138 -12.86 -30.20 -18.75
C SER B 138 -12.53 -29.32 -17.55
N ASP B 139 -13.41 -28.37 -17.26
CA ASP B 139 -13.24 -27.51 -16.10
C ASP B 139 -13.40 -28.32 -14.83
N LEU B 140 -12.98 -27.74 -13.71
CA LEU B 140 -13.21 -28.35 -12.42
C LEU B 140 -14.71 -28.48 -12.19
N VAL B 141 -15.12 -29.65 -11.71
CA VAL B 141 -16.54 -29.94 -11.50
C VAL B 141 -16.98 -29.62 -10.08
N LEU B 142 -17.95 -28.73 -9.96
CA LEU B 142 -18.52 -28.38 -8.66
C LEU B 142 -19.92 -28.97 -8.52
N SER B 143 -20.26 -29.42 -7.31
CA SER B 143 -21.53 -30.11 -7.08
C SER B 143 -22.72 -29.15 -7.00
N VAL B 144 -22.49 -27.89 -7.37
CA VAL B 144 -23.56 -26.90 -7.38
C VAL B 144 -24.14 -26.77 -8.78
N ALA B 145 -25.42 -26.41 -8.86
CA ALA B 145 -26.16 -26.37 -10.12
C ALA B 145 -25.56 -25.35 -11.09
N ASP B 146 -26.01 -25.40 -12.35
CA ASP B 146 -25.46 -24.79 -13.56
C ASP B 146 -23.93 -24.75 -13.53
N GLU B 156 -14.87 -9.56 -14.71
CA GLU B 156 -15.48 -8.40 -14.09
C GLU B 156 -14.93 -8.19 -12.69
N LEU B 157 -14.44 -9.28 -12.11
CA LEU B 157 -13.83 -9.28 -10.79
C LEU B 157 -12.57 -8.41 -10.68
N VAL B 158 -12.59 -7.46 -9.74
CA VAL B 158 -11.41 -6.67 -9.43
C VAL B 158 -10.96 -6.99 -8.02
N ASN B 159 -9.74 -7.53 -7.88
CA ASN B 159 -9.24 -7.83 -6.54
C ASN B 159 -8.59 -6.63 -5.87
N HIS B 160 -9.02 -6.33 -4.65
CA HIS B 160 -8.50 -5.18 -3.91
C HIS B 160 -7.44 -5.67 -2.93
N PRO B 161 -6.32 -4.94 -2.82
CA PRO B 161 -5.26 -5.34 -1.89
C PRO B 161 -5.77 -5.53 -0.47
N ASP B 162 -6.79 -4.77 -0.07
CA ASP B 162 -7.31 -4.86 1.28
C ASP B 162 -8.42 -5.91 1.42
N ASP B 163 -8.78 -6.57 0.32
CA ASP B 163 -9.72 -7.69 0.41
C ASP B 163 -9.15 -8.79 1.28
N GLY B 164 -9.99 -9.38 2.13
CA GLY B 164 -9.59 -10.56 2.86
C GLY B 164 -9.34 -11.68 1.87
N ALA B 165 -8.36 -12.53 2.15
CA ALA B 165 -8.01 -13.62 1.24
C ALA B 165 -7.75 -14.93 1.99
N LEU B 166 -7.20 -14.82 3.19
CA LEU B 166 -6.85 -15.99 3.98
C LEU B 166 -7.21 -15.78 5.45
N PHE B 167 -7.88 -16.76 6.03
CA PHE B 167 -8.25 -16.70 7.44
C PHE B 167 -7.75 -17.94 8.15
N LEU B 168 -6.98 -17.72 9.22
CA LEU B 168 -6.41 -18.82 9.98
C LEU B 168 -6.58 -18.56 11.47
N HIS B 169 -6.15 -19.52 12.29
CA HIS B 169 -6.20 -19.37 13.74
C HIS B 169 -4.84 -19.64 14.36
N THR B 170 -4.56 -19.00 15.49
CA THR B 170 -3.37 -19.34 16.27
C THR B 170 -3.62 -20.68 16.97
N SER B 171 -2.57 -21.31 17.47
CA SER B 171 -2.65 -22.67 18.00
C SER B 171 -3.61 -22.78 19.18
N GLY B 172 -3.60 -21.80 20.06
CA GLY B 172 -4.51 -21.77 21.19
C GLY B 172 -4.28 -22.90 22.18
N THR B 173 -3.02 -23.19 22.47
CA THR B 173 -2.69 -24.18 23.47
C THR B 173 -3.16 -23.69 24.84
N THR B 174 -2.48 -22.68 25.34
CA THR B 174 -2.93 -21.93 26.51
C THR B 174 -4.35 -21.34 26.36
N SER B 175 -4.52 -20.38 25.45
CA SER B 175 -5.75 -19.61 25.37
C SER B 175 -6.72 -20.08 24.30
N ARG B 176 -7.73 -19.25 24.04
CA ARG B 176 -8.63 -19.43 22.91
C ARG B 176 -7.88 -19.14 21.62
N PRO B 177 -8.13 -19.94 20.57
CA PRO B 177 -7.47 -19.67 19.30
C PRO B 177 -7.86 -18.30 18.77
N LYS B 178 -6.88 -17.48 18.42
CA LYS B 178 -7.15 -16.16 17.88
C LYS B 178 -7.32 -16.24 16.37
N GLY B 179 -8.32 -15.56 15.82
CA GLY B 179 -8.51 -15.51 14.39
C GLY B 179 -7.53 -14.56 13.72
N VAL B 180 -6.84 -15.05 12.69
CA VAL B 180 -5.89 -14.22 11.95
C VAL B 180 -6.34 -13.98 10.51
N PRO B 181 -6.87 -12.77 10.25
CA PRO B 181 -7.26 -12.37 8.89
C PRO B 181 -6.08 -11.85 8.07
N LEU B 182 -5.90 -12.42 6.89
CA LEU B 182 -4.83 -12.01 6.00
C LEU B 182 -5.42 -11.56 4.67
N THR B 183 -4.86 -10.50 4.10
CA THR B 183 -5.42 -9.86 2.92
C THR B 183 -4.70 -10.28 1.64
N GLN B 184 -5.23 -9.86 0.50
CA GLN B 184 -4.54 -10.02 -0.78
C GLN B 184 -3.15 -9.39 -0.70
N LEU B 185 -3.08 -8.21 -0.10
CA LEU B 185 -1.83 -7.50 0.08
C LEU B 185 -0.83 -8.29 0.90
N ASN B 186 -1.29 -8.86 2.01
CA ASN B 186 -0.43 -9.69 2.86
C ASN B 186 0.23 -10.81 2.04
N LEU B 187 -0.62 -11.54 1.31
CA LEU B 187 -0.17 -12.67 0.52
C LEU B 187 0.81 -12.24 -0.57
N ALA B 188 0.47 -11.19 -1.31
CA ALA B 188 1.34 -10.69 -2.37
C ALA B 188 2.70 -10.28 -1.80
N SER B 189 2.67 -9.58 -0.67
CA SER B 189 3.88 -9.12 0.00
C SER B 189 4.77 -10.30 0.39
N SER B 190 4.17 -11.31 1.02
CA SER B 190 4.97 -12.46 1.44
C SER B 190 5.50 -13.26 0.26
N VAL B 191 4.68 -13.43 -0.77
CA VAL B 191 5.12 -14.15 -1.97
C VAL B 191 6.32 -13.43 -2.59
N LYS B 192 6.24 -12.10 -2.66
CA LYS B 192 7.34 -11.32 -3.20
C LYS B 192 8.60 -11.43 -2.32
N ASN B 193 8.43 -11.39 -1.01
CA ASN B 193 9.56 -11.52 -0.08
C ASN B 193 10.28 -12.86 -0.24
N ILE B 194 9.49 -13.93 -0.26
CA ILE B 194 10.00 -15.29 -0.35
C ILE B 194 10.68 -15.54 -1.68
N LYS B 195 10.06 -15.14 -2.79
CA LYS B 195 10.70 -15.35 -4.08
C LYS B 195 11.95 -14.46 -4.21
N ALA B 196 11.95 -13.30 -3.56
CA ALA B 196 13.12 -12.42 -3.59
C ALA B 196 14.31 -13.02 -2.85
N VAL B 197 14.10 -13.48 -1.61
CA VAL B 197 15.25 -13.91 -0.81
C VAL B 197 15.88 -15.22 -1.33
N TYR B 198 15.08 -16.10 -1.93
CA TYR B 198 15.62 -17.36 -2.44
C TYR B 198 15.80 -17.32 -3.96
N LYS B 199 15.56 -16.15 -4.55
CA LYS B 199 15.67 -15.94 -5.99
C LYS B 199 14.93 -17.02 -6.78
N LEU B 200 13.67 -17.25 -6.41
CA LEU B 200 12.84 -18.20 -7.13
C LEU B 200 12.61 -17.66 -8.54
N THR B 201 12.79 -18.52 -9.54
CA THR B 201 12.51 -18.15 -10.92
C THR B 201 11.69 -19.26 -11.57
N GLU B 202 11.35 -19.08 -12.84
CA GLU B 202 10.45 -20.00 -13.52
C GLU B 202 11.07 -21.37 -13.77
N SER B 203 12.37 -21.49 -13.56
CA SER B 203 13.05 -22.78 -13.76
C SER B 203 13.04 -23.61 -12.48
N ASP B 204 12.60 -23.01 -11.37
CA ASP B 204 12.58 -23.74 -10.10
C ASP B 204 11.41 -24.72 -10.01
N SER B 205 11.54 -25.67 -9.10
CA SER B 205 10.58 -26.75 -8.94
C SER B 205 10.70 -27.33 -7.55
N THR B 206 9.58 -27.67 -6.93
CA THR B 206 9.63 -28.26 -5.59
C THR B 206 8.51 -29.28 -5.37
N VAL B 207 8.65 -30.04 -4.30
CA VAL B 207 7.63 -30.99 -3.88
C VAL B 207 7.08 -30.54 -2.52
N ILE B 208 5.76 -30.49 -2.39
CA ILE B 208 5.13 -30.10 -1.13
C ILE B 208 5.19 -31.23 -0.12
N VAL B 209 5.79 -30.97 1.04
CA VAL B 209 5.88 -31.99 2.08
C VAL B 209 5.27 -31.52 3.39
N LEU B 210 4.51 -30.44 3.33
CA LEU B 210 3.88 -29.86 4.51
C LEU B 210 2.40 -29.62 4.25
N PRO B 211 1.57 -29.67 5.30
CA PRO B 211 0.14 -29.40 5.13
C PRO B 211 -0.11 -28.02 4.56
N LEU B 212 -0.99 -27.93 3.56
CA LEU B 212 -1.26 -26.65 2.91
C LEU B 212 -2.29 -25.82 3.67
N PHE B 213 -2.68 -26.26 4.87
CA PHE B 213 -3.57 -25.45 5.69
C PHE B 213 -2.81 -24.66 6.76
N HIS B 214 -1.49 -24.64 6.67
CA HIS B 214 -0.65 -23.72 7.45
C HIS B 214 0.19 -22.88 6.49
N VAL B 215 0.65 -21.71 6.93
CA VAL B 215 1.28 -20.76 6.01
C VAL B 215 2.66 -21.20 5.52
N HIS B 216 3.33 -22.10 6.24
CA HIS B 216 4.64 -22.54 5.78
C HIS B 216 4.52 -23.23 4.40
N GLY B 217 3.75 -24.31 4.35
CA GLY B 217 3.56 -25.01 3.10
C GLY B 217 2.81 -24.17 2.07
N LEU B 218 1.83 -23.42 2.55
CA LEU B 218 0.95 -22.66 1.66
C LEU B 218 1.69 -21.50 0.98
N LEU B 219 2.30 -20.62 1.75
CA LEU B 219 2.97 -19.45 1.21
C LEU B 219 4.31 -19.77 0.55
N ALA B 220 5.16 -20.51 1.24
CA ALA B 220 6.51 -20.78 0.74
C ALA B 220 6.52 -21.85 -0.35
N GLY B 221 5.98 -23.02 -0.03
CA GLY B 221 5.98 -24.13 -0.96
C GLY B 221 5.14 -23.88 -2.21
N LEU B 222 3.88 -23.51 -1.99
CA LEU B 222 2.94 -23.38 -3.09
C LEU B 222 2.90 -21.99 -3.72
N LEU B 223 2.46 -21.00 -2.96
CA LEU B 223 2.12 -19.71 -3.56
C LEU B 223 3.33 -18.95 -4.10
N SER B 224 4.47 -19.02 -3.42
CA SER B 224 5.65 -18.30 -3.88
C SER B 224 6.21 -18.92 -5.17
N SER B 225 6.17 -20.25 -5.23
CA SER B 225 6.56 -20.97 -6.43
C SER B 225 5.72 -20.53 -7.62
N LEU B 226 4.39 -20.55 -7.44
CA LEU B 226 3.48 -20.12 -8.50
C LEU B 226 3.73 -18.65 -8.87
N GLY B 227 4.02 -17.86 -7.86
CA GLY B 227 4.30 -16.44 -8.03
C GLY B 227 5.60 -16.21 -8.78
N ALA B 228 6.44 -17.24 -8.88
CA ALA B 228 7.68 -17.12 -9.65
C ALA B 228 7.57 -17.72 -11.05
N GLY B 229 6.44 -18.32 -11.38
CA GLY B 229 6.32 -19.05 -12.62
C GLY B 229 6.98 -20.41 -12.50
N ALA B 230 7.34 -20.77 -11.27
CA ALA B 230 7.96 -22.05 -10.99
C ALA B 230 6.92 -23.17 -10.91
N ALA B 231 7.39 -24.39 -10.66
CA ALA B 231 6.51 -25.55 -10.60
C ALA B 231 6.39 -26.13 -9.20
N VAL B 232 5.24 -26.69 -8.90
CA VAL B 232 4.95 -27.33 -7.63
C VAL B 232 4.49 -28.76 -7.88
N THR B 233 5.03 -29.73 -7.16
CA THR B 233 4.54 -31.10 -7.29
C THR B 233 3.90 -31.57 -6.00
N LEU B 234 2.71 -32.13 -6.12
CA LEU B 234 2.00 -32.70 -4.98
C LEU B 234 2.17 -34.21 -4.98
N PRO B 235 2.52 -34.78 -3.81
CA PRO B 235 2.61 -36.24 -3.66
C PRO B 235 1.30 -36.92 -4.03
N ALA B 236 1.38 -38.12 -4.56
CA ALA B 236 0.22 -38.84 -5.07
C ALA B 236 -0.87 -39.06 -4.03
N ALA B 237 -0.47 -39.29 -2.78
CA ALA B 237 -1.44 -39.59 -1.72
C ALA B 237 -1.77 -38.36 -0.85
N GLY B 238 -1.43 -37.17 -1.35
CA GLY B 238 -1.84 -35.92 -0.72
C GLY B 238 -1.21 -35.57 0.62
N ARG B 239 -0.03 -36.12 0.87
CA ARG B 239 0.68 -35.94 2.13
C ARG B 239 2.16 -36.27 1.93
N PHE B 240 3.00 -35.74 2.82
CA PHE B 240 4.41 -36.11 2.81
C PHE B 240 4.56 -37.62 2.96
N SER B 241 5.40 -38.19 2.12
CA SER B 241 5.79 -39.59 2.23
C SER B 241 7.30 -39.68 2.07
N ALA B 242 7.98 -40.16 3.11
CA ALA B 242 9.43 -40.28 3.07
C ALA B 242 9.87 -41.24 1.95
N THR B 243 9.01 -42.22 1.66
CA THR B 243 9.29 -43.24 0.66
C THR B 243 9.29 -42.68 -0.77
N THR B 244 8.29 -41.87 -1.09
CA THR B 244 8.15 -41.35 -2.45
C THR B 244 8.79 -39.97 -2.64
N PHE B 245 9.34 -39.41 -1.56
CA PHE B 245 9.85 -38.04 -1.61
C PHE B 245 10.93 -37.84 -2.67
N TRP B 246 12.04 -38.54 -2.54
CA TRP B 246 13.14 -38.38 -3.49
C TRP B 246 12.82 -38.86 -4.91
N PRO B 247 12.03 -39.95 -5.05
CA PRO B 247 11.57 -40.25 -6.42
C PRO B 247 10.79 -39.09 -7.06
N ASP B 248 9.90 -38.44 -6.31
CA ASP B 248 9.18 -37.29 -6.83
C ASP B 248 10.11 -36.11 -7.12
N MET B 249 11.04 -35.84 -6.19
CA MET B 249 12.00 -34.76 -6.34
C MET B 249 12.80 -34.94 -7.63
N LYS B 250 13.17 -36.19 -7.91
CA LYS B 250 13.93 -36.51 -9.11
C LYS B 250 13.08 -36.40 -10.38
N LYS B 251 11.95 -37.10 -10.38
CA LYS B 251 11.11 -37.20 -11.57
C LYS B 251 10.62 -35.84 -12.05
N TYR B 252 10.34 -34.94 -11.10
CA TYR B 252 9.78 -33.65 -11.46
C TYR B 252 10.79 -32.51 -11.30
N ASN B 253 12.07 -32.86 -11.41
CA ASN B 253 13.17 -31.90 -11.57
C ASN B 253 13.23 -30.81 -10.50
N ALA B 254 13.03 -31.20 -9.24
CA ALA B 254 13.05 -30.26 -8.13
C ALA B 254 14.41 -29.56 -7.98
N THR B 255 14.38 -28.29 -7.59
CA THR B 255 15.60 -27.52 -7.38
C THR B 255 15.73 -27.06 -5.93
N TRP B 256 14.68 -27.28 -5.14
CA TRP B 256 14.67 -26.93 -3.73
C TRP B 256 13.49 -27.59 -3.03
N TYR B 257 13.52 -27.57 -1.70
CA TYR B 257 12.32 -27.92 -0.93
C TYR B 257 12.38 -27.24 0.43
N THR B 258 11.22 -27.13 1.09
CA THR B 258 11.16 -26.52 2.40
C THR B 258 10.37 -27.43 3.33
N ALA B 259 10.81 -27.50 4.58
CA ALA B 259 10.14 -28.34 5.56
C ALA B 259 10.43 -27.87 6.98
N VAL B 260 9.75 -28.48 7.95
CA VAL B 260 10.03 -28.21 9.36
C VAL B 260 11.07 -29.23 9.84
N PRO B 261 11.80 -28.89 10.92
CA PRO B 261 12.85 -29.78 11.43
C PRO B 261 12.43 -31.24 11.62
N THR B 262 11.22 -31.51 12.11
CA THR B 262 10.84 -32.90 12.35
C THR B 262 10.72 -33.69 11.04
N ILE B 263 10.25 -33.01 10.00
CA ILE B 263 10.16 -33.63 8.69
C ILE B 263 11.56 -33.88 8.12
N HIS B 264 12.45 -32.90 8.27
CA HIS B 264 13.85 -33.05 7.87
C HIS B 264 14.48 -34.24 8.59
N GLN B 265 14.10 -34.43 9.85
CA GLN B 265 14.60 -35.54 10.65
C GLN B 265 14.11 -36.87 10.10
N ILE B 266 12.83 -36.93 9.75
CA ILE B 266 12.29 -38.13 9.14
C ILE B 266 13.00 -38.45 7.83
N ILE B 267 13.25 -37.42 7.04
CA ILE B 267 13.96 -37.56 5.77
C ILE B 267 15.39 -38.09 5.99
N LEU B 268 16.05 -37.57 7.03
CA LEU B 268 17.38 -38.04 7.39
C LEU B 268 17.36 -39.51 7.83
N ASP B 269 16.33 -39.89 8.58
CA ASP B 269 16.16 -41.28 8.99
C ASP B 269 16.00 -42.18 7.78
N ARG B 270 15.19 -41.73 6.82
CA ARG B 270 15.01 -42.45 5.57
C ARG B 270 16.32 -42.57 4.81
N HIS B 271 17.15 -41.53 4.87
CA HIS B 271 18.44 -41.55 4.20
C HIS B 271 19.39 -42.54 4.88
N ALA B 272 19.24 -42.70 6.19
CA ALA B 272 20.08 -43.63 6.94
C ALA B 272 19.67 -45.08 6.66
N SER B 273 18.35 -45.34 6.66
CA SER B 273 17.85 -46.69 6.46
C SER B 273 17.87 -47.09 4.99
N HIS B 274 17.49 -46.17 4.12
CA HIS B 274 17.42 -46.47 2.69
C HIS B 274 17.98 -45.33 1.86
N PRO B 275 19.32 -45.23 1.81
CA PRO B 275 19.98 -44.16 1.04
C PRO B 275 19.76 -44.33 -0.46
N GLU B 276 19.46 -43.23 -1.14
CA GLU B 276 19.37 -43.25 -2.59
C GLU B 276 20.79 -43.37 -3.15
N THR B 277 20.94 -44.06 -4.28
CA THR B 277 22.25 -44.22 -4.89
C THR B 277 22.79 -42.87 -5.37
N GLU B 278 21.88 -41.98 -5.74
CA GLU B 278 22.25 -40.62 -6.13
C GLU B 278 21.15 -39.65 -5.73
N TYR B 279 21.54 -38.44 -5.32
CA TYR B 279 20.59 -37.39 -4.98
C TYR B 279 20.69 -36.23 -5.97
N PRO B 280 19.55 -35.59 -6.27
CA PRO B 280 19.56 -34.42 -7.16
C PRO B 280 20.29 -33.28 -6.45
N LYS B 281 21.04 -32.48 -7.20
CA LYS B 281 21.69 -31.31 -6.63
C LYS B 281 20.72 -30.14 -6.59
N LEU B 282 20.30 -29.79 -5.38
CA LEU B 282 19.36 -28.69 -5.19
C LEU B 282 20.08 -27.37 -5.02
N ARG B 283 19.43 -26.28 -5.39
CA ARG B 283 19.95 -24.94 -5.11
C ARG B 283 20.10 -24.74 -3.62
N PHE B 284 19.08 -25.17 -2.87
CA PHE B 284 19.10 -25.03 -1.41
C PHE B 284 18.03 -25.91 -0.78
N ILE B 285 18.19 -26.16 0.51
CA ILE B 285 17.18 -26.83 1.31
C ILE B 285 16.78 -25.83 2.39
N ARG B 286 15.49 -25.67 2.63
CA ARG B 286 15.03 -24.66 3.58
C ARG B 286 14.42 -25.28 4.83
N SER B 287 14.66 -24.67 5.99
CA SER B 287 13.98 -25.12 7.20
C SER B 287 13.33 -23.93 7.90
N CYS B 288 12.17 -24.16 8.50
CA CYS B 288 11.42 -23.08 9.14
C CYS B 288 10.37 -23.64 10.10
N SER B 289 9.73 -22.74 10.84
CA SER B 289 8.60 -23.00 11.77
C SER B 289 9.03 -23.38 13.18
N ALA B 290 10.19 -24.03 13.31
CA ALA B 290 10.75 -24.33 14.62
C ALA B 290 12.26 -24.35 14.52
N SER B 291 12.94 -24.02 15.61
CA SER B 291 14.40 -23.95 15.64
C SER B 291 15.07 -25.19 15.04
N LEU B 292 15.99 -24.95 14.12
CA LEU B 292 16.72 -26.11 13.63
C LEU B 292 18.10 -26.19 14.27
N ALA B 293 18.26 -27.33 14.94
CA ALA B 293 19.51 -27.63 15.62
C ALA B 293 20.65 -27.67 14.61
N PRO B 294 21.79 -27.05 14.95
CA PRO B 294 22.95 -27.00 14.06
C PRO B 294 23.39 -28.38 13.55
N VAL B 295 23.22 -29.41 14.39
CA VAL B 295 23.64 -30.75 14.00
C VAL B 295 22.73 -31.30 12.89
N ILE B 296 21.46 -30.91 12.91
CA ILE B 296 20.54 -31.32 11.85
C ILE B 296 20.91 -30.63 10.55
N LEU B 297 21.26 -29.35 10.65
CA LEU B 297 21.75 -28.59 9.50
C LEU B 297 22.97 -29.31 8.89
N SER B 298 23.93 -29.66 9.73
CA SER B 298 25.15 -30.31 9.25
CA SER B 298 25.15 -30.31 9.26
C SER B 298 24.85 -31.66 8.61
N ARG B 299 23.95 -32.43 9.24
CA ARG B 299 23.59 -33.75 8.71
C ARG B 299 22.87 -33.66 7.37
N LEU B 300 22.03 -32.64 7.22
CA LEU B 300 21.33 -32.40 5.96
C LEU B 300 22.32 -32.02 4.87
N GLU B 301 23.20 -31.07 5.17
CA GLU B 301 24.18 -30.64 4.18
C GLU B 301 25.12 -31.78 3.78
N GLU B 302 25.43 -32.65 4.73
CA GLU B 302 26.30 -33.79 4.47
C GLU B 302 25.60 -34.84 3.63
N ALA B 303 24.34 -35.11 3.95
CA ALA B 303 23.59 -36.16 3.27
C ALA B 303 23.23 -35.78 1.83
N PHE B 304 22.80 -34.54 1.63
CA PHE B 304 22.20 -34.18 0.35
C PHE B 304 22.99 -33.17 -0.47
N GLY B 305 24.02 -32.60 0.13
CA GLY B 305 24.97 -31.76 -0.61
C GLY B 305 24.42 -30.43 -1.10
N ALA B 306 23.43 -29.88 -0.38
CA ALA B 306 22.90 -28.58 -0.70
C ALA B 306 22.96 -27.67 0.52
N PRO B 307 23.13 -26.36 0.31
CA PRO B 307 23.15 -25.45 1.46
C PRO B 307 21.81 -25.42 2.16
N VAL B 308 21.82 -25.55 3.49
CA VAL B 308 20.60 -25.52 4.27
C VAL B 308 20.39 -24.14 4.91
N LEU B 309 19.31 -23.48 4.50
CA LEU B 309 18.97 -22.13 4.91
C LEU B 309 17.80 -22.13 5.90
N GLU B 310 18.06 -21.65 7.11
CA GLU B 310 17.01 -21.60 8.13
C GLU B 310 16.29 -20.26 8.06
N ALA B 311 14.96 -20.31 8.16
CA ALA B 311 14.15 -19.10 8.17
C ALA B 311 13.29 -19.02 9.42
N TYR B 312 12.66 -17.87 9.62
CA TYR B 312 11.87 -17.56 10.81
C TYR B 312 10.56 -16.94 10.33
N ALA B 313 9.44 -17.50 10.80
CA ALA B 313 8.12 -17.21 10.26
C ALA B 313 6.99 -17.49 11.24
N MET B 314 5.84 -16.87 11.02
CA MET B 314 4.64 -17.16 11.79
C MET B 314 3.41 -16.69 11.03
N THR B 315 2.24 -17.18 11.44
CA THR B 315 0.99 -16.91 10.75
C THR B 315 0.68 -15.41 10.64
N GLU B 316 0.89 -14.68 11.71
CA GLU B 316 0.59 -13.25 11.75
C GLU B 316 1.45 -12.46 10.77
N ALA B 317 2.58 -13.03 10.35
CA ALA B 317 3.46 -12.35 9.41
C ALA B 317 3.24 -12.84 7.99
N THR B 318 2.14 -13.58 7.79
CA THR B 318 1.89 -14.26 6.52
C THR B 318 3.14 -15.06 6.16
N HIS B 319 3.59 -15.84 7.14
CA HIS B 319 4.80 -16.68 7.08
C HIS B 319 6.08 -15.85 7.25
N LEU B 320 6.85 -15.69 6.17
CA LEU B 320 8.25 -15.24 6.26
C LEU B 320 8.49 -13.95 7.04
N MET B 321 9.39 -14.01 8.02
CA MET B 321 9.89 -12.83 8.70
C MET B 321 11.37 -12.62 8.40
N SER B 322 12.18 -13.66 8.59
CA SER B 322 13.60 -13.53 8.29
C SER B 322 14.16 -14.81 7.70
N SER B 323 15.31 -14.72 7.05
CA SER B 323 15.96 -15.92 6.53
C SER B 323 17.45 -15.74 6.34
N ASN B 324 18.19 -16.83 6.49
CA ASN B 324 19.55 -16.86 6.01
C ASN B 324 19.50 -16.71 4.50
N PRO B 325 20.49 -16.01 3.92
CA PRO B 325 20.48 -15.74 2.49
C PRO B 325 21.01 -16.92 1.69
N LEU B 326 20.90 -16.84 0.36
CA LEU B 326 21.60 -17.77 -0.51
C LEU B 326 23.09 -17.55 -0.35
N PRO B 327 23.89 -18.61 -0.52
CA PRO B 327 25.36 -18.51 -0.40
C PRO B 327 25.98 -17.40 -1.26
N GLU B 328 25.37 -17.13 -2.42
CA GLU B 328 25.89 -16.12 -3.33
C GLU B 328 25.68 -14.71 -2.77
N GLU B 329 24.77 -14.57 -1.82
CA GLU B 329 24.47 -13.28 -1.21
C GLU B 329 25.11 -13.12 0.16
N GLY B 330 25.36 -14.25 0.83
CA GLY B 330 25.97 -14.22 2.15
C GLY B 330 26.01 -15.58 2.81
N PRO B 331 26.67 -15.67 3.97
CA PRO B 331 26.79 -16.93 4.68
C PRO B 331 25.49 -17.30 5.39
N HIS B 332 25.32 -18.57 5.73
CA HIS B 332 24.21 -18.96 6.58
C HIS B 332 24.76 -19.48 7.91
N LYS B 333 24.24 -18.94 9.00
CA LYS B 333 24.75 -19.23 10.34
C LYS B 333 23.92 -20.26 11.07
N PRO B 334 24.55 -21.35 11.50
CA PRO B 334 23.84 -22.29 12.38
C PRO B 334 23.44 -21.57 13.67
N GLY B 335 22.25 -21.86 14.18
CA GLY B 335 21.78 -21.21 15.38
C GLY B 335 21.09 -19.88 15.09
N SER B 336 21.11 -19.47 13.82
CA SER B 336 20.54 -18.18 13.43
C SER B 336 19.47 -18.34 12.36
N VAL B 337 18.51 -17.40 12.35
CA VAL B 337 17.47 -17.40 11.34
C VAL B 337 17.64 -16.23 10.36
N GLY B 338 18.85 -15.70 10.30
CA GLY B 338 19.20 -14.73 9.26
C GLY B 338 18.63 -13.33 9.42
N LYS B 339 18.47 -12.67 8.28
CA LYS B 339 18.10 -11.25 8.27
C LYS B 339 16.65 -11.06 7.82
N PRO B 340 16.00 -9.99 8.33
CA PRO B 340 14.61 -9.71 7.95
C PRO B 340 14.48 -9.50 6.45
N VAL B 341 13.37 -9.97 5.88
CA VAL B 341 13.15 -9.84 4.45
C VAL B 341 11.90 -9.00 4.15
N GLY B 342 12.10 -7.87 3.49
CA GLY B 342 11.01 -7.05 3.02
C GLY B 342 10.17 -6.40 4.10
N GLN B 343 10.69 -6.40 5.32
CA GLN B 343 9.98 -5.83 6.45
C GLN B 343 10.94 -5.33 7.52
N GLU B 344 10.45 -4.44 8.37
CA GLU B 344 11.24 -3.92 9.47
C GLU B 344 11.22 -4.91 10.63
N MET B 345 12.33 -4.99 11.33
CA MET B 345 12.47 -5.88 12.48
C MET B 345 13.35 -5.21 13.53
N ALA B 346 12.90 -5.22 14.77
CA ALA B 346 13.68 -4.63 15.86
C ALA B 346 13.57 -5.47 17.12
N ILE B 347 14.59 -5.37 17.97
CA ILE B 347 14.62 -6.05 19.25
C ILE B 347 14.27 -5.06 20.36
N LEU B 348 13.14 -5.26 21.03
CA LEU B 348 12.65 -4.28 21.99
C LEU B 348 12.70 -4.81 23.43
N ASN B 349 13.15 -4.00 24.38
CA ASN B 349 13.05 -4.41 25.78
C ASN B 349 11.61 -4.19 26.25
N GLU B 350 11.34 -4.51 27.52
CA GLU B 350 9.97 -4.41 28.03
C GLU B 350 9.48 -2.96 28.10
N LYS B 351 10.39 -2.00 28.03
CA LYS B 351 10.01 -0.59 28.02
C LYS B 351 9.90 -0.05 26.59
N GLY B 352 10.04 -0.94 25.61
CA GLY B 352 9.89 -0.56 24.22
C GLY B 352 11.09 0.11 23.59
N GLU B 353 12.26 -0.03 24.23
CA GLU B 353 13.48 0.57 23.72
C GLU B 353 14.24 -0.39 22.81
N ILE B 354 14.69 0.11 21.66
CA ILE B 354 15.43 -0.70 20.70
C ILE B 354 16.78 -1.11 21.31
N GLN B 355 17.10 -2.40 21.21
CA GLN B 355 18.30 -2.93 21.81
C GLN B 355 19.49 -2.91 20.88
N GLU B 356 20.68 -2.73 21.45
CA GLU B 356 21.93 -2.81 20.71
C GLU B 356 22.20 -4.24 20.31
N PRO B 357 23.06 -4.46 19.29
CA PRO B 357 23.44 -5.82 18.90
C PRO B 357 23.89 -6.67 20.09
N ASN B 358 23.55 -7.96 20.06
CA ASN B 358 23.89 -8.92 21.12
C ASN B 358 23.26 -8.58 22.48
N ASN B 359 22.18 -7.81 22.45
CA ASN B 359 21.34 -7.60 23.63
C ASN B 359 19.96 -8.19 23.38
N LYS B 360 19.49 -9.02 24.30
CA LYS B 360 18.22 -9.74 24.12
C LYS B 360 17.00 -8.85 24.31
N GLY B 361 15.88 -9.30 23.74
CA GLY B 361 14.61 -8.59 23.84
C GLY B 361 13.58 -9.27 22.95
N GLU B 362 12.38 -8.72 22.87
CA GLU B 362 11.35 -9.31 22.04
C GLU B 362 11.49 -8.88 20.59
N VAL B 363 11.42 -9.85 19.69
CA VAL B 363 11.45 -9.58 18.26
C VAL B 363 10.12 -8.94 17.83
N CYS B 364 10.20 -7.79 17.19
CA CYS B 364 9.02 -7.09 16.70
C CYS B 364 9.17 -6.78 15.21
N ILE B 365 8.07 -6.83 14.48
CA ILE B 365 8.13 -6.62 13.02
C ILE B 365 7.10 -5.60 12.54
N ARG B 366 7.37 -5.02 11.38
CA ARG B 366 6.40 -4.14 10.73
C ARG B 366 6.55 -4.20 9.22
N GLY B 367 5.45 -4.46 8.51
CA GLY B 367 5.48 -4.54 7.07
C GLY B 367 4.13 -4.90 6.49
N PRO B 368 3.99 -4.82 5.17
CA PRO B 368 2.73 -5.09 4.48
C PRO B 368 2.35 -6.58 4.51
N ASN B 369 3.26 -7.42 5.00
CA ASN B 369 2.98 -8.85 5.17
C ASN B 369 2.28 -9.17 6.48
N VAL B 370 2.30 -8.22 7.42
CA VAL B 370 1.76 -8.46 8.74
C VAL B 370 0.25 -8.25 8.79
N THR B 371 -0.46 -9.11 9.52
CA THR B 371 -1.90 -8.96 9.69
C THR B 371 -2.24 -7.60 10.28
N LYS B 372 -3.40 -7.07 9.90
CA LYS B 372 -3.85 -5.80 10.44
C LYS B 372 -4.25 -5.95 11.91
N GLY B 373 -4.55 -7.18 12.30
CA GLY B 373 -4.92 -7.46 13.68
C GLY B 373 -5.80 -8.67 13.84
N TYR B 374 -5.82 -9.25 15.04
CA TYR B 374 -6.66 -10.40 15.33
C TYR B 374 -8.14 -10.03 15.17
N LYS B 375 -8.94 -10.98 14.70
CA LYS B 375 -10.36 -10.73 14.45
C LYS B 375 -11.14 -10.60 15.75
N ASN B 376 -11.87 -9.50 15.88
CA ASN B 376 -12.74 -9.26 17.03
C ASN B 376 -12.05 -9.50 18.37
N ASN B 377 -10.86 -8.93 18.53
CA ASN B 377 -10.11 -9.10 19.76
C ASN B 377 -9.29 -7.87 20.09
N PRO B 378 -9.95 -6.82 20.60
CA PRO B 378 -9.29 -5.55 20.95
C PRO B 378 -8.16 -5.71 21.97
N GLU B 379 -8.38 -6.55 22.99
CA GLU B 379 -7.34 -6.78 24.00
C GLU B 379 -6.04 -7.26 23.36
N ALA B 380 -6.14 -8.34 22.60
CA ALA B 380 -4.97 -8.98 22.01
C ALA B 380 -4.28 -8.05 21.02
N ASN B 381 -5.06 -7.21 20.34
CA ASN B 381 -4.49 -6.27 19.38
C ASN B 381 -3.78 -5.13 20.11
N LYS B 382 -4.32 -4.72 21.24
CA LYS B 382 -3.68 -3.72 22.07
C LYS B 382 -2.35 -4.25 22.61
N ALA B 383 -2.35 -5.52 23.02
CA ALA B 383 -1.15 -6.13 23.56
C ALA B 383 -0.09 -6.41 22.48
N GLY B 384 -0.55 -6.72 21.27
CA GLY B 384 0.34 -7.20 20.24
C GLY B 384 0.85 -6.17 19.25
N PHE B 385 0.14 -5.04 19.13
CA PHE B 385 0.48 -4.04 18.12
C PHE B 385 0.69 -2.66 18.72
N GLU B 386 1.72 -1.97 18.25
CA GLU B 386 1.94 -0.57 18.64
C GLU B 386 2.64 0.20 17.52
N PHE B 387 1.97 1.24 17.03
CA PHE B 387 2.47 2.09 15.94
C PHE B 387 2.89 1.25 14.73
N GLY B 388 2.09 0.24 14.41
CA GLY B 388 2.36 -0.61 13.26
C GLY B 388 3.23 -1.82 13.54
N TRP B 389 3.92 -1.81 14.68
CA TRP B 389 4.84 -2.88 15.05
C TRP B 389 4.13 -4.03 15.77
N PHE B 390 4.37 -5.27 15.31
CA PHE B 390 3.77 -6.44 15.93
C PHE B 390 4.77 -7.19 16.82
N HIS B 391 4.34 -7.54 18.01
CA HIS B 391 5.15 -8.30 18.95
C HIS B 391 5.00 -9.81 18.69
N THR B 392 6.11 -10.46 18.35
CA THR B 392 6.09 -11.86 17.92
C THR B 392 5.89 -12.86 19.06
N GLY B 393 6.29 -12.48 20.27
CA GLY B 393 6.27 -13.40 21.39
C GLY B 393 7.58 -14.17 21.52
N ASP B 394 8.53 -13.84 20.64
CA ASP B 394 9.85 -14.46 20.68
C ASP B 394 10.90 -13.55 21.30
N ILE B 395 11.78 -14.14 22.09
CA ILE B 395 12.99 -13.48 22.56
C ILE B 395 14.16 -13.87 21.66
N GLY B 396 14.90 -12.86 21.21
CA GLY B 396 16.08 -13.06 20.37
C GLY B 396 17.03 -11.87 20.42
N TYR B 397 18.07 -11.92 19.60
CA TYR B 397 19.03 -10.81 19.50
C TYR B 397 19.69 -10.78 18.13
N PHE B 398 20.12 -9.60 17.70
CA PHE B 398 20.91 -9.46 16.47
C PHE B 398 22.40 -9.50 16.78
N ASP B 399 23.17 -10.23 15.98
CA ASP B 399 24.62 -10.15 16.12
C ASP B 399 25.13 -8.96 15.30
N THR B 400 26.45 -8.78 15.25
CA THR B 400 27.01 -7.60 14.60
C THR B 400 26.79 -7.57 13.09
N ASP B 401 26.47 -8.73 12.51
CA ASP B 401 26.23 -8.81 11.07
C ASP B 401 24.75 -8.61 10.74
N GLY B 402 23.94 -8.42 11.77
CA GLY B 402 22.52 -8.20 11.58
C GLY B 402 21.73 -9.49 11.45
N TYR B 403 22.36 -10.61 11.83
CA TYR B 403 21.69 -11.90 11.83
C TYR B 403 20.93 -12.13 13.12
N LEU B 404 19.68 -12.56 13.01
CA LEU B 404 18.85 -12.80 14.18
C LEU B 404 19.13 -14.18 14.79
N HIS B 405 19.32 -14.20 16.11
CA HIS B 405 19.47 -15.45 16.84
C HIS B 405 18.32 -15.57 17.83
N LEU B 406 17.49 -16.60 17.66
CA LEU B 406 16.36 -16.81 18.55
C LEU B 406 16.78 -17.43 19.87
N VAL B 407 16.18 -16.96 20.95
CA VAL B 407 16.41 -17.50 22.28
C VAL B 407 15.22 -18.37 22.67
N GLY B 408 14.02 -17.92 22.32
CA GLY B 408 12.86 -18.77 22.50
C GLY B 408 11.56 -18.03 22.81
N ARG B 409 10.45 -18.75 22.84
CA ARG B 409 9.17 -18.17 23.23
C ARG B 409 9.27 -17.59 24.63
N ILE B 410 8.73 -16.39 24.82
CA ILE B 410 8.70 -15.76 26.13
C ILE B 410 8.12 -16.70 27.17
N LYS B 411 7.02 -17.36 26.82
CA LYS B 411 6.31 -18.24 27.75
C LYS B 411 7.01 -19.58 27.96
N GLU B 412 8.05 -19.88 27.17
CA GLU B 412 8.70 -21.17 27.27
C GLU B 412 10.09 -21.11 27.93
N LEU B 413 10.64 -19.91 28.07
CA LEU B 413 11.92 -19.78 28.74
C LEU B 413 11.80 -20.26 30.18
N ILE B 414 12.83 -20.93 30.67
CA ILE B 414 12.75 -21.56 31.98
C ILE B 414 13.44 -20.71 33.03
N ASN B 415 12.66 -20.04 33.88
CA ASN B 415 13.21 -19.14 34.88
C ASN B 415 13.67 -19.90 36.12
N ARG B 416 14.94 -20.28 36.13
CA ARG B 416 15.52 -21.00 37.25
C ARG B 416 16.22 -20.02 38.19
N GLY B 417 15.52 -19.62 39.25
CA GLY B 417 16.07 -18.73 40.26
C GLY B 417 16.60 -17.43 39.71
N GLY B 418 15.92 -16.88 38.71
CA GLY B 418 16.35 -15.63 38.10
C GLY B 418 17.17 -15.82 36.84
N GLU B 419 17.66 -17.04 36.61
CA GLU B 419 18.43 -17.33 35.41
C GLU B 419 17.57 -18.04 34.38
N LYS B 420 17.31 -17.38 33.26
CA LYS B 420 16.44 -17.92 32.22
C LYS B 420 17.19 -18.87 31.29
N ILE B 421 16.68 -20.09 31.19
CA ILE B 421 17.25 -21.12 30.35
C ILE B 421 16.49 -21.21 29.04
N SER B 422 17.23 -21.28 27.94
CA SER B 422 16.65 -21.44 26.61
C SER B 422 16.52 -22.92 26.25
N PRO B 423 15.28 -23.43 26.20
CA PRO B 423 15.05 -24.83 25.81
C PRO B 423 15.58 -25.18 24.42
N ILE B 424 15.60 -24.22 23.49
CA ILE B 424 16.17 -24.43 22.16
C ILE B 424 17.62 -24.93 22.21
N GLU B 425 18.43 -24.24 23.01
CA GLU B 425 19.85 -24.54 23.15
C GLU B 425 20.06 -25.98 23.65
N VAL B 426 19.30 -26.30 24.69
CA VAL B 426 19.38 -27.61 25.31
C VAL B 426 18.90 -28.69 24.34
N ASP B 427 17.83 -28.40 23.59
CA ASP B 427 17.34 -29.31 22.56
C ASP B 427 18.44 -29.64 21.57
N ALA B 428 19.11 -28.60 21.06
CA ALA B 428 20.21 -28.80 20.11
C ALA B 428 21.29 -29.72 20.72
N VAL B 429 21.67 -29.42 21.96
CA VAL B 429 22.66 -30.24 22.64
C VAL B 429 22.21 -31.70 22.71
N LEU B 430 20.96 -31.92 23.12
CA LEU B 430 20.39 -33.26 23.22
C LEU B 430 20.47 -34.00 21.89
N LEU B 431 20.16 -33.28 20.82
CA LEU B 431 20.19 -33.90 19.49
C LEU B 431 21.61 -34.20 19.03
N THR B 432 22.61 -33.54 19.64
CA THR B 432 23.99 -33.91 19.28
C THR B 432 24.45 -35.26 19.85
N HIS B 433 23.69 -35.83 20.78
CA HIS B 433 24.04 -37.14 21.34
C HIS B 433 23.83 -38.24 20.29
N PRO B 434 24.83 -39.12 20.12
CA PRO B 434 24.82 -40.13 19.05
C PRO B 434 23.62 -41.06 19.08
N ASP B 435 23.05 -41.31 20.25
CA ASP B 435 21.96 -42.27 20.39
C ASP B 435 20.61 -41.62 20.61
N VAL B 436 20.54 -40.31 20.44
CA VAL B 436 19.27 -39.60 20.63
C VAL B 436 18.60 -39.35 19.30
N SER B 437 17.41 -39.92 19.13
CA SER B 437 16.61 -39.72 17.92
C SER B 437 15.87 -38.40 18.02
N GLN B 438 15.19 -38.18 19.14
CA GLN B 438 14.49 -36.92 19.36
C GLN B 438 14.66 -36.46 20.81
N GLY B 439 14.43 -35.17 21.05
CA GLY B 439 14.58 -34.63 22.39
C GLY B 439 13.88 -33.31 22.56
N VAL B 440 13.38 -33.07 23.78
CA VAL B 440 12.71 -31.81 24.08
C VAL B 440 12.90 -31.43 25.55
N ALA B 441 13.40 -30.22 25.78
CA ALA B 441 13.53 -29.71 27.14
C ALA B 441 12.31 -28.87 27.49
N PHE B 442 12.00 -28.79 28.78
CA PHE B 442 10.82 -28.06 29.22
C PHE B 442 10.91 -27.71 30.70
N GLY B 443 10.19 -26.66 31.11
CA GLY B 443 10.20 -26.22 32.48
C GLY B 443 9.18 -26.93 33.35
N VAL B 444 9.55 -27.18 34.61
CA VAL B 444 8.68 -27.79 35.60
C VAL B 444 8.75 -26.97 36.89
N PRO B 445 7.73 -27.08 37.75
CA PRO B 445 7.80 -26.37 39.05
C PRO B 445 8.97 -26.82 39.92
N ASP B 446 9.53 -25.88 40.69
CA ASP B 446 10.63 -26.20 41.62
C ASP B 446 10.54 -25.31 42.85
N GLU B 447 10.62 -25.90 44.05
CA GLU B 447 10.54 -25.14 45.29
C GLU B 447 11.61 -24.05 45.39
N LYS B 448 12.87 -24.43 45.19
CA LYS B 448 13.99 -23.51 45.39
C LYS B 448 14.10 -22.47 44.27
N TYR B 449 13.99 -22.91 43.02
CA TYR B 449 14.29 -22.06 41.89
C TYR B 449 13.05 -21.51 41.18
N GLY B 450 11.87 -21.88 41.65
CA GLY B 450 10.63 -21.48 41.01
C GLY B 450 10.34 -22.42 39.86
N GLU B 451 11.26 -22.46 38.90
CA GLU B 451 11.18 -23.41 37.79
C GLU B 451 12.52 -24.15 37.64
N GLU B 452 12.44 -25.38 37.16
CA GLU B 452 13.62 -26.20 36.89
C GLU B 452 13.49 -26.76 35.47
N ILE B 453 14.62 -27.14 34.87
CA ILE B 453 14.56 -27.73 33.54
C ILE B 453 14.58 -29.25 33.60
N ASN B 454 13.62 -29.86 32.90
CA ASN B 454 13.61 -31.30 32.66
C ASN B 454 13.67 -31.53 31.16
N CYS B 455 13.78 -32.79 30.74
CA CYS B 455 13.73 -33.08 29.31
C CYS B 455 13.28 -34.50 29.05
N ALA B 456 12.81 -34.75 27.83
CA ALA B 456 12.42 -36.10 27.41
C ALA B 456 13.12 -36.44 26.11
N VAL B 457 13.61 -37.68 26.00
CA VAL B 457 14.26 -38.10 24.77
C VAL B 457 13.73 -39.43 24.23
N ILE B 458 13.82 -39.56 22.90
CA ILE B 458 13.54 -40.81 22.21
C ILE B 458 14.85 -41.32 21.64
N PRO B 459 15.28 -42.50 22.12
CA PRO B 459 16.52 -43.16 21.68
C PRO B 459 16.44 -43.70 20.27
N ARG B 460 17.58 -43.79 19.61
CA ARG B 460 17.66 -44.40 18.29
C ARG B 460 17.42 -45.91 18.37
N GLU B 461 16.83 -46.46 17.32
CA GLU B 461 16.54 -47.89 17.19
C GLU B 461 17.76 -48.74 17.50
N GLY B 462 17.61 -49.74 18.37
CA GLY B 462 18.70 -50.65 18.68
C GLY B 462 19.65 -50.14 19.73
N THR B 463 19.45 -48.90 20.16
CA THR B 463 20.32 -48.30 21.17
C THR B 463 19.65 -48.21 22.54
N THR B 464 20.47 -48.12 23.58
CA THR B 464 19.93 -47.91 24.91
C THR B 464 20.57 -46.69 25.56
N VAL B 465 19.70 -45.83 26.08
CA VAL B 465 20.14 -44.61 26.75
C VAL B 465 19.52 -44.51 28.13
N THR B 466 20.30 -44.03 29.09
CA THR B 466 19.82 -43.86 30.46
C THR B 466 19.73 -42.38 30.81
N GLU B 467 19.06 -42.08 31.92
CA GLU B 467 18.95 -40.71 32.41
C GLU B 467 20.35 -40.12 32.66
N GLU B 468 21.24 -40.94 33.21
CA GLU B 468 22.57 -40.46 33.58
C GLU B 468 23.52 -40.31 32.41
N ASP B 469 23.30 -41.07 31.34
CA ASP B 469 24.04 -40.85 30.10
C ASP B 469 23.74 -39.45 29.57
N ILE B 470 22.45 -39.18 29.44
CA ILE B 470 21.96 -37.90 28.95
C ILE B 470 22.45 -36.76 29.81
N LYS B 471 22.32 -36.92 31.13
CA LYS B 471 22.77 -35.87 32.05
C LYS B 471 24.28 -35.65 31.97
N ALA B 472 25.06 -36.71 31.91
CA ALA B 472 26.52 -36.58 31.81
C ALA B 472 26.91 -35.82 30.53
N PHE B 473 26.28 -36.21 29.42
CA PHE B 473 26.53 -35.56 28.14
C PHE B 473 26.21 -34.06 28.19
N CYS B 474 25.03 -33.76 28.75
CA CYS B 474 24.61 -32.38 28.90
C CYS B 474 25.58 -31.58 29.77
N LYS B 475 26.01 -32.19 30.87
CA LYS B 475 26.97 -31.57 31.78
C LYS B 475 28.30 -31.32 31.08
N LYS B 476 28.63 -32.16 30.09
CA LYS B 476 29.85 -31.94 29.34
C LYS B 476 29.67 -30.84 28.30
N ASN B 477 28.42 -30.59 27.90
CA ASN B 477 28.22 -29.58 26.86
C ASN B 477 27.42 -28.33 27.25
N LEU B 478 27.10 -28.18 28.52
CA LEU B 478 26.33 -27.03 28.98
C LEU B 478 26.83 -26.50 30.32
N ALA B 479 26.62 -25.21 30.57
CA ALA B 479 26.82 -24.66 31.90
C ALA B 479 25.91 -25.42 32.86
N ALA B 480 26.41 -25.68 34.07
CA ALA B 480 25.76 -26.58 35.02
C ALA B 480 24.28 -26.26 35.26
N PHE B 481 23.94 -24.97 35.35
CA PHE B 481 22.56 -24.59 35.69
C PHE B 481 21.57 -24.90 34.56
N LYS B 482 22.08 -25.14 33.36
CA LYS B 482 21.21 -25.43 32.22
C LYS B 482 20.88 -26.92 32.10
N VAL B 483 21.64 -27.76 32.79
CA VAL B 483 21.52 -29.20 32.64
C VAL B 483 20.20 -29.72 33.21
N PRO B 484 19.44 -30.46 32.40
CA PRO B 484 18.18 -31.06 32.85
C PRO B 484 18.35 -31.90 34.11
N LYS B 485 17.56 -31.60 35.13
CA LYS B 485 17.64 -32.30 36.41
C LYS B 485 16.92 -33.65 36.35
N ARG B 486 15.95 -33.76 35.45
CA ARG B 486 15.25 -35.01 35.22
C ARG B 486 15.18 -35.33 33.73
N VAL B 487 15.55 -36.56 33.38
CA VAL B 487 15.47 -37.02 31.99
C VAL B 487 14.49 -38.19 31.84
N PHE B 488 13.44 -37.96 31.06
CA PHE B 488 12.45 -39.00 30.81
C PHE B 488 12.74 -39.71 29.49
N ILE B 489 13.04 -41.00 29.57
CA ILE B 489 13.22 -41.82 28.39
C ILE B 489 11.85 -42.26 27.89
N THR B 490 11.56 -42.04 26.62
CA THR B 490 10.25 -42.40 26.08
C THR B 490 10.34 -42.82 24.62
N ASP B 491 9.25 -43.39 24.11
CA ASP B 491 9.23 -43.91 22.74
C ASP B 491 8.49 -42.98 21.79
N ASN B 492 7.73 -42.04 22.36
CA ASN B 492 6.92 -41.16 21.53
C ASN B 492 6.75 -39.74 22.08
N LEU B 493 6.87 -38.78 21.19
CA LEU B 493 6.62 -37.37 21.47
C LEU B 493 5.63 -36.82 20.45
N PRO B 494 4.43 -36.46 20.93
CA PRO B 494 3.34 -36.01 20.06
C PRO B 494 3.71 -34.77 19.26
N LYS B 495 3.24 -34.69 18.03
CA LYS B 495 3.50 -33.54 17.19
C LYS B 495 2.20 -33.01 16.61
N THR B 496 2.17 -31.71 16.37
CA THR B 496 1.03 -31.08 15.72
C THR B 496 1.00 -31.51 14.25
N ALA B 497 -0.07 -31.12 13.54
CA ALA B 497 -0.19 -31.46 12.12
C ALA B 497 0.93 -30.80 11.32
N SER B 498 1.37 -29.64 11.78
CA SER B 498 2.46 -28.91 11.12
C SER B 498 3.83 -29.52 11.44
N GLY B 499 3.90 -30.33 12.48
CA GLY B 499 5.13 -31.02 12.83
C GLY B 499 5.90 -30.40 13.99
N LYS B 500 5.19 -29.75 14.89
CA LYS B 500 5.83 -29.13 16.05
C LYS B 500 5.61 -29.96 17.31
N ILE B 501 6.63 -30.01 18.16
CA ILE B 501 6.47 -30.60 19.48
C ILE B 501 6.11 -29.50 20.46
N GLN B 502 5.04 -29.71 21.23
CA GLN B 502 4.59 -28.69 22.17
C GLN B 502 5.09 -29.00 23.58
N ARG B 503 6.03 -28.17 24.03
CA ARG B 503 6.74 -28.38 25.30
C ARG B 503 5.82 -28.50 26.50
N ARG B 504 4.82 -27.62 26.55
CA ARG B 504 3.92 -27.53 27.69
C ARG B 504 3.17 -28.85 27.89
N ILE B 505 2.70 -29.40 26.77
CA ILE B 505 1.96 -30.65 26.74
C ILE B 505 2.83 -31.81 27.23
N VAL B 506 4.05 -31.89 26.70
CA VAL B 506 5.00 -32.92 27.09
C VAL B 506 5.29 -32.84 28.58
N ALA B 507 5.48 -31.61 29.06
CA ALA B 507 5.71 -31.33 30.46
C ALA B 507 4.59 -31.90 31.29
N GLN B 508 3.36 -31.47 31.00
CA GLN B 508 2.19 -31.95 31.71
C GLN B 508 2.08 -33.48 31.67
N HIS B 509 2.51 -34.07 30.56
CA HIS B 509 2.47 -35.51 30.42
C HIS B 509 3.45 -36.21 31.34
N PHE B 510 4.64 -35.63 31.53
CA PHE B 510 5.64 -36.29 32.36
C PHE B 510 5.59 -35.84 33.83
N LEU B 511 4.73 -34.87 34.11
CA LEU B 511 4.52 -34.40 35.47
C LEU B 511 3.44 -35.28 36.07
N GLU B 512 2.48 -35.64 35.23
CA GLU B 512 1.33 -36.45 35.63
C GLU B 512 1.75 -37.79 36.22
#